data_4PC4
#
_entry.id   4PC4
#
_cell.length_a   83.210
_cell.length_b   85.750
_cell.length_c   104.470
_cell.angle_alpha   90.00
_cell.angle_beta   104.84
_cell.angle_gamma   90.00
#
_symmetry.space_group_name_H-M   'P 1 21 1'
#
loop_
_entity.id
_entity.type
_entity.pdbx_description
1 polymer '30K lipoprotein'
2 non-polymer '2-(N-MORPHOLINO)-ETHANESULFONIC ACID'
3 non-polymer 1,2-ETHANEDIOL
4 non-polymer DI(HYDROXYETHYL)ETHER
5 non-polymer 'ISOPROPYL ALCOHOL'
6 water water
#
_entity_poly.entity_id   1
_entity_poly.type   'polypeptide(L)'
_entity_poly.pdbx_seq_one_letter_code
;GVVELSADTSNQDLEEKLYNSILTGDYDSAVRQSLEYESQGKGSIIQNVVNNLIIDKRRNTMEYCYKLWVGNGQEIVRKY
FPLNFRLIMAGNYVKIIYRNYNLALKLGSTTNPSNERIAYGDGVDKHTELVSWKFITLWENNRVYFKIHNTKYNQYLKMS
TTTCNCNSRDRVVYGGNSADSTREQWFFQPAKYENDVLFFIYNRQFNDALELGTIVNASGDRKAVGHDGEVAGLPDIYSW
FITPF
;
_entity_poly.pdbx_strand_id   A,B,C,D,E
#
loop_
_chem_comp.id
_chem_comp.type
_chem_comp.name
_chem_comp.formula
EDO non-polymer 1,2-ETHANEDIOL 'C2 H6 O2'
IPA non-polymer 'ISOPROPYL ALCOHOL' 'C3 H8 O'
MES non-polymer '2-(N-MORPHOLINO)-ETHANESULFONIC ACID' 'C6 H13 N O4 S'
PEG non-polymer DI(HYDROXYETHYL)ETHER 'C4 H10 O3'
#
# COMPACT_ATOMS: atom_id res chain seq x y z
N ASP A 8 -4.58 14.27 -5.72
CA ASP A 8 -3.59 15.08 -4.92
C ASP A 8 -2.16 14.45 -5.00
N THR A 9 -2.02 13.20 -4.59
CA THR A 9 -0.73 12.48 -4.65
C THR A 9 -0.12 12.50 -6.05
N SER A 10 1.16 12.87 -6.17
CA SER A 10 1.81 13.00 -7.47
C SER A 10 1.98 11.64 -8.13
N ASN A 11 2.09 11.67 -9.45
CA ASN A 11 2.37 10.47 -10.20
C ASN A 11 3.67 9.78 -9.75
N GLN A 12 4.69 10.56 -9.42
CA GLN A 12 5.97 9.98 -8.92
C GLN A 12 5.77 9.22 -7.62
N ASP A 13 5.02 9.81 -6.69
CA ASP A 13 4.78 9.15 -5.41
C ASP A 13 3.96 7.87 -5.61
N LEU A 14 3.01 7.90 -6.53
CA LEU A 14 2.21 6.70 -6.83
C LEU A 14 3.03 5.62 -7.49
N GLU A 15 3.96 6.02 -8.33
CA GLU A 15 4.90 5.07 -8.89
C GLU A 15 5.73 4.35 -7.80
N GLU A 16 6.17 5.08 -6.79
CA GLU A 16 6.92 4.51 -5.71
C GLU A 16 6.07 3.49 -4.91
N LYS A 17 4.81 3.86 -4.65
CA LYS A 17 3.89 3.00 -3.94
C LYS A 17 3.62 1.73 -4.71
N LEU A 18 3.50 1.84 -6.04
CA LEU A 18 3.25 0.66 -6.86
C LEU A 18 4.45 -0.25 -6.93
N TYR A 19 5.63 0.31 -7.14
CA TYR A 19 6.83 -0.46 -7.16
C TYR A 19 7.01 -1.21 -5.83
N ASN A 20 6.82 -0.50 -4.73
CA ASN A 20 6.97 -1.12 -3.39
C ASN A 20 6.02 -2.31 -3.24
N SER A 21 4.77 -2.16 -3.69
CA SER A 21 3.78 -3.25 -3.60
C SER A 21 4.29 -4.48 -4.34
N ILE A 22 4.82 -4.27 -5.53
CA ILE A 22 5.30 -5.34 -6.37
C ILE A 22 6.50 -6.00 -5.75
N LEU A 23 7.45 -5.19 -5.27
CA LEU A 23 8.62 -5.74 -4.66
C LEU A 23 8.36 -6.59 -3.41
N THR A 24 7.36 -6.23 -2.65
CA THR A 24 7.01 -6.93 -1.44
C THR A 24 6.06 -8.09 -1.67
N GLY A 25 5.65 -8.28 -2.90
CA GLY A 25 4.72 -9.38 -3.23
C GLY A 25 3.29 -9.15 -2.87
N ASP A 26 2.90 -7.87 -2.71
CA ASP A 26 1.49 -7.53 -2.49
C ASP A 26 0.81 -7.27 -3.81
N TYR A 27 0.63 -8.35 -4.58
CA TYR A 27 0.14 -8.25 -5.94
C TYR A 27 -1.32 -7.79 -6.00
N ASP A 28 -2.11 -8.13 -4.99
CA ASP A 28 -3.52 -7.68 -5.01
C ASP A 28 -3.58 -6.15 -4.89
N SER A 29 -2.75 -5.56 -4.05
CA SER A 29 -2.62 -4.09 -4.01
C SER A 29 -2.10 -3.54 -5.33
N ALA A 30 -1.07 -4.15 -5.90
CA ALA A 30 -0.51 -3.68 -7.16
C ALA A 30 -1.55 -3.66 -8.26
N VAL A 31 -2.35 -4.73 -8.35
CA VAL A 31 -3.39 -4.80 -9.39
C VAL A 31 -4.48 -3.76 -9.14
N ARG A 32 -4.94 -3.65 -7.92
CA ARG A 32 -5.96 -2.64 -7.57
C ARG A 32 -5.48 -1.21 -7.91
N GLN A 33 -4.28 -0.87 -7.45
CA GLN A 33 -3.68 0.39 -7.81
C GLN A 33 -3.63 0.61 -9.34
N SER A 34 -3.17 -0.41 -10.07
CA SER A 34 -2.99 -0.30 -11.50
C SER A 34 -4.29 -0.04 -12.25
N LEU A 35 -5.33 -0.75 -11.87
CA LEU A 35 -6.64 -0.54 -12.45
C LEU A 35 -7.16 0.88 -12.17
N GLU A 36 -6.97 1.34 -10.93
CA GLU A 36 -7.37 2.67 -10.56
C GLU A 36 -6.60 3.71 -11.36
N TYR A 37 -5.27 3.58 -11.46
CA TYR A 37 -4.47 4.57 -12.24
C TYR A 37 -4.88 4.62 -13.72
N GLU A 38 -5.09 3.46 -14.30
CA GLU A 38 -5.49 3.39 -15.71
C GLU A 38 -6.89 4.07 -15.89
N SER A 39 -7.82 3.81 -14.98
CA SER A 39 -9.15 4.42 -15.04
C SER A 39 -9.12 5.94 -14.92
N GLN A 40 -8.11 6.48 -14.23
CA GLN A 40 -7.95 7.90 -14.03
C GLN A 40 -7.14 8.54 -15.17
N GLY A 41 -6.69 7.76 -16.16
CA GLY A 41 -5.85 8.28 -17.23
C GLY A 41 -4.42 8.50 -16.84
N LYS A 42 -3.98 7.83 -15.77
CA LYS A 42 -2.63 7.95 -15.25
C LYS A 42 -1.84 6.65 -15.49
N GLY A 43 -2.10 6.01 -16.60
CA GLY A 43 -1.40 4.79 -16.99
C GLY A 43 0.09 4.95 -17.14
N SER A 44 0.55 6.17 -17.38
CA SER A 44 1.99 6.45 -17.38
C SER A 44 2.69 5.97 -16.11
N ILE A 45 1.97 5.96 -14.98
CA ILE A 45 2.52 5.43 -13.73
C ILE A 45 2.95 3.95 -13.91
N ILE A 46 2.07 3.19 -14.57
CA ILE A 46 2.31 1.79 -14.81
C ILE A 46 3.46 1.63 -15.77
N GLN A 47 3.47 2.42 -16.86
CA GLN A 47 4.58 2.35 -17.80
C GLN A 47 5.92 2.61 -17.12
N ASN A 48 5.96 3.61 -16.25
CA ASN A 48 7.18 3.96 -15.57
C ASN A 48 7.63 2.86 -14.60
N VAL A 49 6.69 2.27 -13.87
CA VAL A 49 7.04 1.16 -12.95
CA VAL A 49 7.03 1.17 -12.96
C VAL A 49 7.57 -0.05 -13.71
N VAL A 50 6.92 -0.39 -14.83
CA VAL A 50 7.37 -1.53 -15.64
C VAL A 50 8.78 -1.26 -16.17
N ASN A 51 9.01 -0.06 -16.67
CA ASN A 51 10.34 0.32 -17.16
C ASN A 51 11.38 0.14 -16.02
N ASN A 52 11.05 0.64 -14.84
CA ASN A 52 12.02 0.60 -13.72
C ASN A 52 12.22 -0.83 -13.21
N LEU A 53 11.14 -1.62 -13.15
CA LEU A 53 11.26 -3.01 -12.74
C LEU A 53 12.23 -3.78 -13.64
N ILE A 54 12.13 -3.52 -14.93
CA ILE A 54 12.97 -4.18 -15.91
C ILE A 54 14.42 -3.71 -15.87
N ILE A 55 14.62 -2.40 -15.73
CA ILE A 55 15.97 -1.84 -15.50
C ILE A 55 16.60 -2.50 -14.27
N ASP A 56 15.79 -2.73 -13.24
CA ASP A 56 16.27 -3.36 -11.98
C ASP A 56 16.35 -4.89 -12.04
N LYS A 57 15.91 -5.46 -13.17
CA LYS A 57 15.92 -6.91 -13.41
C LYS A 57 15.13 -7.63 -12.30
N ARG A 58 13.97 -7.07 -11.96
CA ARG A 58 13.19 -7.66 -10.85
C ARG A 58 12.39 -8.84 -11.32
N ARG A 59 12.61 -9.99 -10.73
CA ARG A 59 11.80 -11.15 -11.14
C ARG A 59 10.32 -10.97 -10.85
N ASN A 60 9.97 -10.17 -9.84
CA ASN A 60 8.57 -9.92 -9.50
C ASN A 60 7.78 -9.20 -10.58
N THR A 61 8.46 -8.66 -11.60
CA THR A 61 7.81 -8.19 -12.78
C THR A 61 6.87 -9.26 -13.38
N MET A 62 7.29 -10.52 -13.34
CA MET A 62 6.50 -11.58 -13.99
C MET A 62 5.21 -11.79 -13.25
N GLU A 63 5.29 -11.86 -11.94
CA GLU A 63 4.10 -11.96 -11.09
C GLU A 63 3.14 -10.81 -11.28
N TYR A 64 3.65 -9.59 -11.38
CA TYR A 64 2.85 -8.42 -11.56
C TYR A 64 2.10 -8.54 -12.88
N CYS A 65 2.81 -8.88 -13.92
CA CYS A 65 2.18 -9.11 -15.22
C CYS A 65 1.08 -10.21 -15.16
N TYR A 66 1.41 -11.33 -14.55
CA TYR A 66 0.46 -12.43 -14.46
C TYR A 66 -0.80 -12.02 -13.71
N LYS A 67 -0.62 -11.38 -12.56
CA LYS A 67 -1.75 -11.03 -11.73
C LYS A 67 -2.63 -9.99 -12.43
N LEU A 68 -2.04 -9.13 -13.23
CA LEU A 68 -2.82 -8.24 -14.07
C LEU A 68 -3.58 -9.06 -15.10
N TRP A 69 -2.88 -10.03 -15.72
CA TRP A 69 -3.47 -10.85 -16.79
C TRP A 69 -4.72 -11.60 -16.33
N VAL A 70 -4.72 -12.10 -15.11
CA VAL A 70 -5.88 -12.85 -14.60
C VAL A 70 -6.81 -11.99 -13.73
N GLY A 71 -6.48 -10.72 -13.59
CA GLY A 71 -7.19 -9.82 -12.67
C GLY A 71 -7.82 -8.63 -13.38
N ASN A 72 -8.30 -8.84 -14.59
CA ASN A 72 -8.93 -7.79 -15.40
C ASN A 72 -8.03 -6.74 -15.93
N GLY A 73 -6.72 -7.03 -16.01
CA GLY A 73 -5.75 -6.10 -16.47
C GLY A 73 -5.08 -6.44 -17.77
N GLN A 74 -5.77 -7.18 -18.65
CA GLN A 74 -5.15 -7.60 -19.91
C GLN A 74 -4.82 -6.45 -20.82
N GLU A 75 -5.65 -5.43 -20.81
CA GLU A 75 -5.38 -4.26 -21.61
C GLU A 75 -4.16 -3.50 -21.10
N ILE A 76 -4.00 -3.43 -19.78
CA ILE A 76 -2.81 -2.84 -19.19
C ILE A 76 -1.55 -3.59 -19.62
N VAL A 77 -1.62 -4.90 -19.68
CA VAL A 77 -0.49 -5.69 -20.13
C VAL A 77 -0.14 -5.38 -21.58
N ARG A 78 -1.19 -5.34 -22.42
CA ARG A 78 -1.02 -5.01 -23.83
CA ARG A 78 -0.99 -5.01 -23.83
C ARG A 78 -0.38 -3.63 -24.02
N LYS A 79 -0.83 -2.68 -23.24
CA LYS A 79 -0.39 -1.31 -23.41
C LYS A 79 0.97 -0.99 -22.85
N TYR A 80 1.31 -1.55 -21.68
CA TYR A 80 2.45 -1.06 -20.94
C TYR A 80 3.61 -2.02 -20.78
N PHE A 81 3.43 -3.27 -21.16
CA PHE A 81 4.53 -4.22 -21.13
C PHE A 81 4.96 -4.51 -22.57
N PRO A 82 6.25 -4.86 -22.78
CA PRO A 82 6.66 -5.33 -24.07
C PRO A 82 5.83 -6.51 -24.53
N LEU A 83 5.74 -6.64 -25.86
CA LEU A 83 4.93 -7.69 -26.48
C LEU A 83 5.18 -9.09 -25.89
N ASN A 84 6.45 -9.39 -25.64
CA ASN A 84 6.78 -10.75 -25.22
C ASN A 84 6.11 -11.17 -23.90
N PHE A 85 5.78 -10.20 -23.04
CA PHE A 85 5.04 -10.53 -21.83
C PHE A 85 3.66 -11.09 -22.17
N ARG A 86 2.98 -10.48 -23.11
CA ARG A 86 1.66 -10.99 -23.54
C ARG A 86 1.81 -12.37 -24.16
N LEU A 87 2.84 -12.58 -24.98
CA LEU A 87 3.08 -13.90 -25.55
C LEU A 87 3.20 -15.00 -24.48
N ILE A 88 3.90 -14.67 -23.42
CA ILE A 88 4.12 -15.58 -22.33
C ILE A 88 2.77 -15.85 -21.61
N MET A 89 2.07 -14.80 -21.15
CA MET A 89 0.86 -14.97 -20.34
C MET A 89 -0.34 -15.51 -21.12
N ALA A 90 -0.41 -15.20 -22.40
CA ALA A 90 -1.51 -15.68 -23.25
C ALA A 90 -1.32 -17.08 -23.79
N GLY A 91 -0.11 -17.63 -23.69
CA GLY A 91 0.14 -19.01 -24.15
C GLY A 91 0.28 -19.10 -25.66
N ASN A 92 0.72 -18.01 -26.28
CA ASN A 92 1.02 -17.99 -27.73
C ASN A 92 2.20 -18.90 -28.07
N TYR A 93 2.24 -19.36 -29.31
CA TYR A 93 3.40 -20.07 -29.79
C TYR A 93 4.56 -19.10 -29.94
N VAL A 94 5.73 -19.52 -29.44
CA VAL A 94 6.91 -18.69 -29.42
C VAL A 94 8.13 -19.45 -29.87
N LYS A 95 9.18 -18.68 -30.21
CA LYS A 95 10.51 -19.21 -30.31
C LYS A 95 11.26 -18.64 -29.12
N ILE A 96 12.22 -19.43 -28.66
CA ILE A 96 13.05 -19.10 -27.50
C ILE A 96 14.49 -19.10 -27.98
N ILE A 97 15.05 -17.93 -28.16
CA ILE A 97 16.34 -17.77 -28.91
C ILE A 97 17.41 -17.20 -28.00
N TYR A 98 18.56 -17.87 -27.93
CA TYR A 98 19.62 -17.46 -27.04
C TYR A 98 20.33 -16.23 -27.57
N ARG A 99 20.44 -15.21 -26.72
CA ARG A 99 21.02 -13.94 -27.16
C ARG A 99 22.45 -14.10 -27.65
N ASN A 100 23.25 -14.80 -26.87
CA ASN A 100 24.69 -14.87 -27.13
C ASN A 100 25.03 -15.49 -28.49
N TYR A 101 24.31 -16.53 -28.86
CA TYR A 101 24.61 -17.29 -30.06
C TYR A 101 23.56 -17.22 -31.12
N ASN A 102 22.45 -16.56 -30.84
CA ASN A 102 21.32 -16.51 -31.75
C ASN A 102 20.85 -17.88 -32.24
N LEU A 103 20.70 -18.82 -31.32
CA LEU A 103 20.19 -20.16 -31.64
C LEU A 103 18.85 -20.40 -30.94
N ALA A 104 17.90 -20.99 -31.66
CA ALA A 104 16.56 -21.31 -31.15
C ALA A 104 16.56 -22.63 -30.40
N LEU A 105 15.90 -22.67 -29.26
CA LEU A 105 15.78 -23.88 -28.47
C LEU A 105 14.93 -24.93 -29.16
N LYS A 106 15.36 -26.19 -29.05
CA LYS A 106 14.61 -27.33 -29.54
C LYS A 106 14.85 -28.52 -28.61
N LEU A 107 14.11 -29.58 -28.84
CA LEU A 107 14.48 -30.93 -28.34
C LEU A 107 15.05 -31.81 -29.46
N GLY A 108 15.95 -32.73 -29.09
CA GLY A 108 16.56 -33.70 -30.03
C GLY A 108 15.59 -34.81 -30.43
N SER A 109 16.00 -35.63 -31.40
CA SER A 109 15.09 -36.58 -32.01
C SER A 109 15.10 -37.95 -31.35
N THR A 110 16.05 -38.21 -30.47
CA THR A 110 16.17 -39.53 -29.84
C THR A 110 15.71 -39.42 -28.40
N THR A 111 15.12 -40.51 -27.89
CA THR A 111 14.72 -40.57 -26.50
C THR A 111 15.61 -41.56 -25.76
N ASN A 112 15.80 -41.32 -24.46
CA ASN A 112 16.59 -42.24 -23.63
C ASN A 112 15.66 -43.27 -22.97
N PRO A 113 16.20 -44.18 -22.13
CA PRO A 113 15.30 -45.19 -21.54
C PRO A 113 14.21 -44.63 -20.64
N SER A 114 14.37 -43.39 -20.17
CA SER A 114 13.33 -42.70 -19.40
C SER A 114 12.30 -42.00 -20.30
N ASN A 115 12.42 -42.20 -21.59
CA ASN A 115 11.58 -41.58 -22.59
C ASN A 115 11.76 -40.06 -22.67
N GLU A 116 12.96 -39.60 -22.38
CA GLU A 116 13.25 -38.17 -22.38
C GLU A 116 14.21 -37.82 -23.48
N ARG A 117 14.01 -36.60 -24.01
CA ARG A 117 14.86 -36.04 -25.05
CA ARG A 117 14.86 -36.04 -25.05
C ARG A 117 15.84 -35.07 -24.43
N ILE A 118 16.92 -34.81 -25.15
CA ILE A 118 17.88 -33.81 -24.73
C ILE A 118 17.52 -32.48 -25.42
N ALA A 119 17.64 -31.36 -24.69
CA ALA A 119 17.42 -30.04 -25.24
C ALA A 119 18.71 -29.46 -25.84
N TYR A 120 18.55 -28.73 -26.95
CA TYR A 120 19.66 -28.09 -27.65
C TYR A 120 19.24 -26.69 -28.15
N GLY A 121 20.22 -25.88 -28.48
CA GLY A 121 20.05 -24.77 -29.39
C GLY A 121 20.38 -25.26 -30.79
N ASP A 122 19.44 -25.07 -31.73
CA ASP A 122 19.62 -25.54 -33.09
C ASP A 122 20.59 -24.62 -33.80
N GLY A 123 21.58 -25.20 -34.50
CA GLY A 123 22.58 -24.40 -35.17
C GLY A 123 22.09 -23.49 -36.28
N VAL A 124 20.93 -23.82 -36.85
CA VAL A 124 20.41 -23.16 -38.05
C VAL A 124 18.93 -22.72 -37.99
N ASP A 125 18.06 -23.61 -37.55
CA ASP A 125 16.59 -23.48 -37.73
C ASP A 125 16.00 -22.44 -36.81
N LYS A 126 15.33 -21.49 -37.43
CA LYS A 126 14.59 -20.44 -36.74
C LYS A 126 13.15 -20.38 -37.21
N HIS A 127 12.66 -21.43 -37.87
CA HIS A 127 11.37 -21.34 -38.55
C HIS A 127 10.45 -22.55 -38.43
N THR A 128 10.98 -23.76 -38.45
CA THR A 128 10.10 -24.92 -38.53
C THR A 128 9.49 -25.23 -37.19
N GLU A 129 8.54 -26.16 -37.21
CA GLU A 129 7.86 -26.62 -35.97
C GLU A 129 8.84 -27.10 -34.92
N LEU A 130 10.02 -27.49 -35.32
CA LEU A 130 11.04 -27.96 -34.41
C LEU A 130 11.41 -26.96 -33.31
N VAL A 131 11.22 -25.67 -33.60
CA VAL A 131 11.59 -24.66 -32.61
C VAL A 131 10.38 -23.92 -31.99
N SER A 132 9.19 -24.50 -32.12
CA SER A 132 7.97 -23.95 -31.53
C SER A 132 7.78 -24.42 -30.11
N TRP A 133 7.43 -23.46 -29.26
CA TRP A 133 7.10 -23.74 -27.85
C TRP A 133 5.88 -22.92 -27.45
N LYS A 134 5.29 -23.24 -26.30
CA LYS A 134 4.37 -22.35 -25.63
C LYS A 134 4.56 -22.50 -24.11
N PHE A 135 4.13 -21.48 -23.41
CA PHE A 135 4.27 -21.45 -21.95
C PHE A 135 2.92 -21.70 -21.30
N ILE A 136 2.94 -22.45 -20.19
CA ILE A 136 1.77 -22.67 -19.39
C ILE A 136 2.09 -22.18 -18.01
N THR A 137 1.27 -21.29 -17.51
CA THR A 137 1.53 -20.70 -16.18
C THR A 137 1.05 -21.59 -15.02
N LEU A 138 1.68 -21.40 -13.88
CA LEU A 138 1.27 -22.02 -12.64
C LEU A 138 1.48 -20.97 -11.56
N TRP A 139 0.45 -20.72 -10.77
CA TRP A 139 0.57 -19.81 -9.63
C TRP A 139 0.64 -20.61 -8.35
N GLU A 140 1.74 -20.47 -7.59
CA GLU A 140 1.95 -21.18 -6.32
C GLU A 140 2.92 -20.38 -5.49
N ASN A 141 2.74 -20.41 -4.19
CA ASN A 141 3.69 -19.73 -3.28
C ASN A 141 3.85 -18.26 -3.62
N ASN A 142 2.74 -17.62 -3.96
CA ASN A 142 2.71 -16.19 -4.30
C ASN A 142 3.67 -15.84 -5.44
N ARG A 143 3.88 -16.83 -6.31
CA ARG A 143 4.81 -16.74 -7.46
C ARG A 143 4.23 -17.34 -8.73
N VAL A 144 4.72 -16.85 -9.87
CA VAL A 144 4.33 -17.45 -11.14
C VAL A 144 5.50 -18.27 -11.67
N TYR A 145 5.18 -19.52 -12.01
CA TYR A 145 6.11 -20.38 -12.69
C TYR A 145 5.59 -20.79 -14.07
N PHE A 146 6.48 -21.31 -14.89
CA PHE A 146 6.18 -21.66 -16.26
C PHE A 146 6.56 -23.11 -16.55
N LYS A 147 5.65 -23.79 -17.23
CA LYS A 147 5.94 -25.05 -17.89
C LYS A 147 6.20 -24.69 -19.34
N ILE A 148 7.32 -25.16 -19.87
CA ILE A 148 7.82 -24.76 -21.14
C ILE A 148 7.60 -25.95 -22.07
N HIS A 149 6.58 -25.83 -22.91
CA HIS A 149 6.04 -26.95 -23.67
C HIS A 149 6.47 -26.94 -25.12
N ASN A 150 7.04 -28.05 -25.54
CA ASN A 150 7.58 -28.22 -26.89
C ASN A 150 6.47 -28.74 -27.82
N THR A 151 6.20 -28.02 -28.90
CA THR A 151 5.07 -28.31 -29.79
C THR A 151 5.28 -29.59 -30.56
N LYS A 152 6.47 -29.80 -31.10
CA LYS A 152 6.70 -30.95 -32.01
C LYS A 152 6.56 -32.27 -31.28
N TYR A 153 7.10 -32.35 -30.06
CA TYR A 153 7.22 -33.61 -29.36
C TYR A 153 6.30 -33.74 -28.17
N ASN A 154 5.53 -32.69 -27.86
CA ASN A 154 4.59 -32.73 -26.75
C ASN A 154 5.30 -33.13 -25.45
N GLN A 155 6.38 -32.41 -25.14
CA GLN A 155 7.13 -32.61 -23.93
C GLN A 155 7.48 -31.26 -23.29
N TYR A 156 7.87 -31.32 -22.04
CA TYR A 156 8.18 -30.14 -21.24
C TYR A 156 9.65 -30.08 -20.90
N LEU A 157 10.21 -28.87 -21.00
CA LEU A 157 11.59 -28.63 -20.65
C LEU A 157 11.79 -28.91 -19.16
N LYS A 158 12.87 -29.62 -18.82
CA LYS A 158 13.10 -30.00 -17.43
C LYS A 158 14.57 -30.24 -17.14
N MET A 159 14.88 -30.35 -15.86
CA MET A 159 16.12 -30.95 -15.46
C MET A 159 15.79 -32.32 -14.85
N SER A 160 16.81 -33.16 -14.69
CA SER A 160 16.61 -34.57 -14.36
C SER A 160 15.81 -34.73 -13.07
N THR A 161 14.78 -35.56 -13.12
CA THR A 161 14.03 -35.89 -11.90
C THR A 161 14.59 -37.12 -11.15
N THR A 162 15.65 -37.75 -11.67
CA THR A 162 16.30 -38.84 -10.92
C THR A 162 17.62 -38.45 -10.30
N THR A 163 18.22 -37.37 -10.75
CA THR A 163 19.53 -37.00 -10.23
C THR A 163 19.43 -36.53 -8.76
N CYS A 164 20.57 -36.50 -8.08
CA CYS A 164 20.69 -36.04 -6.69
C CYS A 164 20.28 -34.58 -6.57
N ASN A 165 19.78 -34.21 -5.40
CA ASN A 165 19.58 -32.81 -5.06
C ASN A 165 20.85 -32.30 -4.39
N CYS A 166 21.91 -32.15 -5.18
CA CYS A 166 23.23 -31.86 -4.62
C CYS A 166 24.10 -31.26 -5.70
N ASN A 167 25.30 -30.82 -5.32
CA ASN A 167 26.13 -30.03 -6.23
C ASN A 167 26.66 -30.83 -7.40
N SER A 168 26.70 -32.15 -7.25
CA SER A 168 27.15 -33.04 -8.34
C SER A 168 25.98 -33.49 -9.25
N ARG A 169 24.82 -32.84 -9.18
CA ARG A 169 23.70 -33.17 -10.04
C ARG A 169 24.01 -33.16 -11.53
N ASP A 170 23.30 -34.00 -12.28
CA ASP A 170 23.17 -33.87 -13.74
C ASP A 170 22.66 -32.47 -14.11
N ARG A 171 23.42 -31.75 -14.93
CA ARG A 171 23.00 -30.40 -15.36
C ARG A 171 22.45 -30.31 -16.78
N VAL A 172 22.29 -31.46 -17.41
CA VAL A 172 21.72 -31.50 -18.74
C VAL A 172 20.25 -31.09 -18.66
N VAL A 173 19.79 -30.36 -19.68
CA VAL A 173 18.41 -30.00 -19.78
C VAL A 173 17.73 -30.95 -20.79
N TYR A 174 16.56 -31.44 -20.39
CA TYR A 174 15.84 -32.49 -21.11
C TYR A 174 14.45 -32.04 -21.45
N GLY A 175 13.74 -32.90 -22.20
CA GLY A 175 12.31 -32.78 -22.36
C GLY A 175 11.66 -34.05 -21.81
N GLY A 176 10.57 -33.91 -21.06
CA GLY A 176 9.85 -35.03 -20.48
C GLY A 176 8.35 -34.93 -20.67
N ASN A 177 7.63 -36.00 -20.36
CA ASN A 177 6.20 -36.02 -20.63
C ASN A 177 5.30 -35.20 -19.72
N SER A 178 5.76 -34.87 -18.54
CA SER A 178 4.93 -34.14 -17.61
C SER A 178 5.71 -33.01 -16.91
N ALA A 179 4.96 -32.15 -16.22
CA ALA A 179 5.56 -30.96 -15.65
C ALA A 179 5.04 -30.69 -14.25
N ASP A 180 4.74 -31.75 -13.51
CA ASP A 180 4.24 -31.62 -12.12
C ASP A 180 5.34 -31.41 -11.10
N SER A 181 6.58 -31.72 -11.41
CA SER A 181 7.68 -31.58 -10.48
C SER A 181 8.24 -30.17 -10.54
N THR A 182 8.76 -29.69 -9.42
CA THR A 182 9.52 -28.41 -9.43
C THR A 182 10.71 -28.41 -10.38
N ARG A 183 11.24 -29.59 -10.69
CA ARG A 183 12.37 -29.68 -11.63
C ARG A 183 11.93 -29.53 -13.07
N GLU A 184 10.63 -29.61 -13.31
CA GLU A 184 10.00 -29.47 -14.63
C GLU A 184 9.32 -28.12 -14.80
N GLN A 185 9.71 -27.16 -13.95
CA GLN A 185 9.10 -25.83 -13.91
C GLN A 185 10.21 -24.76 -13.82
N TRP A 186 9.89 -23.55 -14.23
CA TRP A 186 10.86 -22.52 -14.46
C TRP A 186 10.32 -21.15 -14.03
N PHE A 187 11.22 -20.25 -13.70
CA PHE A 187 10.86 -18.88 -13.42
C PHE A 187 11.76 -17.96 -14.23
N PHE A 188 11.25 -16.77 -14.54
CA PHE A 188 11.96 -15.85 -15.40
C PHE A 188 12.37 -14.58 -14.69
N GLN A 189 13.44 -13.97 -15.18
CA GLN A 189 13.87 -12.66 -14.69
C GLN A 189 14.15 -11.81 -15.92
N PRO A 190 13.42 -10.68 -16.07
CA PRO A 190 13.63 -9.88 -17.24
C PRO A 190 14.87 -9.00 -17.16
N ALA A 191 15.34 -8.53 -18.32
CA ALA A 191 16.44 -7.58 -18.38
C ALA A 191 16.38 -6.86 -19.72
N LYS A 192 16.85 -5.62 -19.75
CA LYS A 192 16.85 -4.81 -20.95
C LYS A 192 18.30 -4.80 -21.44
N TYR A 193 18.53 -5.21 -22.67
CA TYR A 193 19.87 -5.17 -23.24
C TYR A 193 19.83 -4.69 -24.69
N GLU A 194 20.58 -3.62 -24.95
CA GLU A 194 20.44 -2.87 -26.20
C GLU A 194 18.96 -2.48 -26.33
N ASN A 195 18.29 -2.78 -27.42
CA ASN A 195 16.88 -2.36 -27.49
C ASN A 195 15.88 -3.40 -27.07
N ASP A 196 16.36 -4.51 -26.48
CA ASP A 196 15.50 -5.69 -26.34
C ASP A 196 15.25 -6.04 -24.87
N VAL A 197 14.06 -6.52 -24.54
CA VAL A 197 13.80 -7.08 -23.25
C VAL A 197 13.98 -8.59 -23.43
N LEU A 198 14.89 -9.13 -22.65
CA LEU A 198 15.28 -10.51 -22.68
C LEU A 198 14.98 -11.12 -21.31
N PHE A 199 15.14 -12.43 -21.21
CA PHE A 199 14.86 -13.17 -19.98
C PHE A 199 15.93 -14.15 -19.63
N PHE A 200 16.33 -14.13 -18.37
CA PHE A 200 17.00 -15.23 -17.79
C PHE A 200 15.92 -16.26 -17.38
N ILE A 201 16.19 -17.53 -17.65
CA ILE A 201 15.23 -18.58 -17.43
C ILE A 201 15.88 -19.56 -16.44
N TYR A 202 15.28 -19.68 -15.25
CA TYR A 202 15.85 -20.46 -14.15
C TYR A 202 14.99 -21.65 -13.78
N ASN A 203 15.64 -22.77 -13.45
CA ASN A 203 14.90 -23.96 -13.01
C ASN A 203 14.34 -23.72 -11.62
N ARG A 204 13.05 -23.98 -11.43
CA ARG A 204 12.40 -23.73 -10.12
C ARG A 204 13.13 -24.46 -8.99
N GLN A 205 13.39 -25.77 -9.15
CA GLN A 205 14.00 -26.53 -8.05
C GLN A 205 15.47 -26.17 -7.85
N PHE A 206 16.24 -26.18 -8.94
CA PHE A 206 17.69 -26.10 -8.84
C PHE A 206 18.27 -24.68 -8.87
N ASN A 207 17.46 -23.74 -9.31
CA ASN A 207 17.85 -22.36 -9.51
C ASN A 207 18.91 -22.13 -10.58
N ASP A 208 19.20 -23.14 -11.39
CA ASP A 208 20.23 -22.99 -12.43
C ASP A 208 19.65 -22.28 -13.63
N ALA A 209 20.40 -21.36 -14.19
CA ALA A 209 19.99 -20.65 -15.39
C ALA A 209 20.15 -21.56 -16.61
N LEU A 210 19.13 -21.55 -17.46
CA LEU A 210 19.19 -22.20 -18.77
C LEU A 210 20.26 -21.54 -19.66
N GLU A 211 21.24 -22.35 -20.12
CA GLU A 211 22.38 -21.88 -20.87
C GLU A 211 22.65 -22.80 -22.06
N LEU A 212 23.30 -22.30 -23.10
CA LEU A 212 23.81 -23.11 -24.20
C LEU A 212 25.31 -23.28 -24.02
N GLY A 213 25.75 -24.53 -24.05
CA GLY A 213 27.13 -24.89 -23.84
C GLY A 213 27.82 -25.17 -25.16
N THR A 214 28.63 -26.21 -25.18
CA THR A 214 29.47 -26.48 -26.33
C THR A 214 28.70 -27.01 -27.56
N ILE A 215 29.31 -26.79 -28.70
CA ILE A 215 28.86 -27.24 -29.99
C ILE A 215 29.01 -28.77 -30.09
N VAL A 216 28.01 -29.45 -30.62
CA VAL A 216 27.96 -30.91 -30.61
C VAL A 216 27.98 -31.57 -32.02
N ASN A 217 27.86 -30.78 -33.07
CA ASN A 217 27.82 -31.32 -34.44
C ASN A 217 28.13 -30.27 -35.47
N ALA A 218 28.23 -30.71 -36.70
CA ALA A 218 28.68 -29.86 -37.79
C ALA A 218 27.69 -28.75 -38.08
N SER A 219 26.41 -29.01 -37.80
CA SER A 219 25.33 -27.99 -38.04
C SER A 219 25.36 -26.90 -36.97
N GLY A 220 26.12 -27.12 -35.89
CA GLY A 220 26.37 -26.07 -34.94
C GLY A 220 25.39 -26.11 -33.76
N ASP A 221 24.68 -27.21 -33.58
CA ASP A 221 23.83 -27.35 -32.40
C ASP A 221 24.69 -27.25 -31.17
N ARG A 222 24.11 -26.65 -30.11
CA ARG A 222 24.76 -26.58 -28.81
C ARG A 222 23.90 -27.26 -27.73
N LYS A 223 24.54 -27.93 -26.79
CA LYS A 223 23.80 -28.55 -25.69
C LYS A 223 23.18 -27.49 -24.80
N ALA A 224 21.97 -27.76 -24.33
CA ALA A 224 21.35 -26.92 -23.28
C ALA A 224 21.63 -27.51 -21.92
N VAL A 225 22.13 -26.69 -21.00
CA VAL A 225 22.53 -27.11 -19.66
C VAL A 225 22.10 -26.06 -18.62
N GLY A 226 22.08 -26.47 -17.36
CA GLY A 226 21.85 -25.58 -16.25
C GLY A 226 23.19 -25.01 -15.78
N HIS A 227 23.31 -23.70 -15.79
CA HIS A 227 24.52 -23.01 -15.38
C HIS A 227 24.68 -23.04 -13.85
N ASP A 228 25.93 -23.15 -13.41
CA ASP A 228 26.27 -23.13 -12.00
C ASP A 228 26.77 -21.71 -11.66
N GLY A 229 25.88 -20.92 -11.05
CA GLY A 229 26.26 -19.58 -10.57
C GLY A 229 25.39 -18.44 -11.06
N GLU A 230 25.67 -17.27 -10.53
CA GLU A 230 24.93 -16.05 -10.86
C GLU A 230 25.17 -15.63 -12.30
N VAL A 231 24.10 -15.17 -12.97
CA VAL A 231 24.16 -14.76 -14.39
C VAL A 231 23.56 -13.38 -14.69
N ALA A 232 22.89 -12.77 -13.71
CA ALA A 232 21.99 -11.63 -13.98
C ALA A 232 22.72 -10.38 -14.45
N GLY A 233 24.02 -10.30 -14.16
CA GLY A 233 24.85 -9.20 -14.64
C GLY A 233 25.21 -9.29 -16.11
N LEU A 234 24.93 -10.43 -16.75
CA LEU A 234 25.40 -10.69 -18.12
C LEU A 234 24.29 -11.16 -19.06
N PRO A 235 23.33 -10.27 -19.36
CA PRO A 235 22.28 -10.66 -20.29
C PRO A 235 22.80 -10.93 -21.68
N ASP A 236 23.91 -10.30 -22.04
CA ASP A 236 24.54 -10.59 -23.33
C ASP A 236 25.04 -12.02 -23.46
N ILE A 237 25.34 -12.66 -22.32
CA ILE A 237 25.90 -14.00 -22.33
C ILE A 237 24.83 -15.07 -22.06
N TYR A 238 23.86 -14.79 -21.18
CA TYR A 238 23.01 -15.84 -20.65
C TYR A 238 21.48 -15.68 -20.79
N SER A 239 21.01 -14.65 -21.46
CA SER A 239 19.58 -14.44 -21.58
C SER A 239 19.01 -14.93 -22.90
N TRP A 240 17.70 -14.92 -22.95
CA TRP A 240 16.92 -15.45 -24.05
C TRP A 240 15.93 -14.44 -24.59
N PHE A 241 15.78 -14.40 -25.92
CA PHE A 241 14.71 -13.67 -26.58
C PHE A 241 13.49 -14.57 -26.59
N ILE A 242 12.32 -13.99 -26.40
CA ILE A 242 11.04 -14.72 -26.60
C ILE A 242 10.27 -13.94 -27.66
N THR A 243 10.03 -14.58 -28.80
CA THR A 243 9.45 -13.93 -29.98
C THR A 243 8.32 -14.79 -30.57
N PRO A 244 7.44 -14.19 -31.35
CA PRO A 244 6.31 -15.02 -31.86
C PRO A 244 6.81 -16.09 -32.80
N PHE A 245 6.16 -17.25 -32.77
CA PHE A 245 6.52 -18.33 -33.67
C PHE A 245 5.94 -17.99 -35.06
N ASP B 8 25.68 30.88 -27.78
CA ASP B 8 26.21 30.05 -26.64
C ASP B 8 25.43 30.17 -25.31
N THR B 9 24.90 29.02 -24.93
CA THR B 9 23.88 28.95 -23.89
C THR B 9 24.32 29.56 -22.58
N SER B 10 23.48 30.44 -22.03
CA SER B 10 23.80 31.12 -20.79
C SER B 10 23.80 30.14 -19.60
N ASN B 11 24.53 30.52 -18.56
CA ASN B 11 24.53 29.77 -17.34
C ASN B 11 23.13 29.62 -16.76
N GLN B 12 22.31 30.67 -16.84
CA GLN B 12 20.93 30.57 -16.31
C GLN B 12 20.10 29.55 -17.05
N ASP B 13 20.23 29.52 -18.38
CA ASP B 13 19.49 28.53 -19.18
C ASP B 13 20.00 27.11 -18.90
N LEU B 14 21.31 26.96 -18.65
CA LEU B 14 21.86 25.65 -18.31
C LEU B 14 21.40 25.20 -16.93
N GLU B 15 21.29 26.15 -16.02
CA GLU B 15 20.74 25.83 -14.71
CA GLU B 15 20.74 25.88 -14.68
C GLU B 15 19.31 25.29 -14.82
N GLU B 16 18.52 25.90 -15.70
CA GLU B 16 17.14 25.45 -15.93
C GLU B 16 17.11 24.03 -16.50
N LYS B 17 17.98 23.78 -17.48
CA LYS B 17 18.09 22.46 -18.09
C LYS B 17 18.51 21.38 -17.04
N LEU B 18 19.48 21.72 -16.19
CA LEU B 18 19.97 20.78 -15.17
C LEU B 18 18.88 20.49 -14.15
N TYR B 19 18.22 21.55 -13.65
CA TYR B 19 17.13 21.37 -12.70
C TYR B 19 16.02 20.48 -13.32
N ASN B 20 15.66 20.75 -14.56
CA ASN B 20 14.64 19.95 -15.26
C ASN B 20 15.03 18.47 -15.34
N SER B 21 16.30 18.19 -15.66
CA SER B 21 16.79 16.78 -15.73
C SER B 21 16.61 16.07 -14.39
N ILE B 22 16.99 16.76 -13.33
CA ILE B 22 16.90 16.21 -11.98
C ILE B 22 15.46 15.97 -11.58
N LEU B 23 14.60 16.95 -11.86
CA LEU B 23 13.21 16.83 -11.54
C LEU B 23 12.52 15.65 -12.24
N THR B 24 12.92 15.37 -13.47
CA THR B 24 12.34 14.31 -14.24
C THR B 24 12.98 12.92 -13.94
N GLY B 25 14.04 12.90 -13.14
CA GLY B 25 14.74 11.65 -12.82
C GLY B 25 15.73 11.19 -13.85
N ASP B 26 16.13 12.10 -14.75
CA ASP B 26 17.16 11.75 -15.74
C ASP B 26 18.50 12.05 -15.12
N TYR B 27 18.90 11.19 -14.19
CA TYR B 27 20.11 11.42 -13.41
C TYR B 27 21.37 11.20 -14.22
N ASP B 28 21.33 10.33 -15.22
CA ASP B 28 22.52 10.14 -16.07
C ASP B 28 22.82 11.43 -16.86
N SER B 29 21.80 12.08 -17.40
CA SER B 29 21.98 13.40 -18.02
C SER B 29 22.45 14.44 -17.01
N ALA B 30 21.85 14.47 -15.81
CA ALA B 30 22.25 15.42 -14.81
C ALA B 30 23.73 15.29 -14.47
N VAL B 31 24.22 14.04 -14.35
CA VAL B 31 25.60 13.80 -13.98
C VAL B 31 26.55 14.20 -15.11
N ARG B 32 26.19 13.82 -16.32
CA ARG B 32 26.98 14.17 -17.51
CA ARG B 32 26.99 14.18 -17.51
C ARG B 32 27.11 15.69 -17.61
N GLN B 33 25.99 16.38 -17.51
CA GLN B 33 25.96 17.84 -17.53
C GLN B 33 26.87 18.41 -16.45
N SER B 34 26.74 17.90 -15.23
CA SER B 34 27.48 18.44 -14.11
C SER B 34 28.99 18.32 -14.31
N LEU B 35 29.43 17.13 -14.70
CA LEU B 35 30.85 16.91 -14.98
C LEU B 35 31.36 17.83 -16.09
N GLU B 36 30.57 18.03 -17.13
CA GLU B 36 30.92 18.95 -18.22
C GLU B 36 31.00 20.40 -17.70
N TYR B 37 30.00 20.84 -16.92
CA TYR B 37 30.01 22.22 -16.45
C TYR B 37 31.22 22.47 -15.55
N GLU B 38 31.52 21.52 -14.67
CA GLU B 38 32.65 21.70 -13.75
C GLU B 38 33.95 21.79 -14.53
N SER B 39 34.08 20.95 -15.53
CA SER B 39 35.29 20.94 -16.38
C SER B 39 35.47 22.26 -17.15
N GLN B 40 34.36 22.95 -17.42
CA GLN B 40 34.38 24.18 -18.18
C GLN B 40 34.51 25.40 -17.29
N GLY B 41 34.66 25.19 -16.00
CA GLY B 41 34.75 26.29 -15.06
C GLY B 41 33.40 26.96 -14.78
N LYS B 42 32.31 26.25 -15.07
CA LYS B 42 30.96 26.73 -14.85
C LYS B 42 30.27 25.96 -13.71
N GLY B 43 31.02 25.55 -12.69
CA GLY B 43 30.49 24.87 -11.51
C GLY B 43 29.43 25.65 -10.78
N SER B 44 29.47 26.96 -10.92
CA SER B 44 28.42 27.78 -10.28
C SER B 44 27.01 27.34 -10.69
N ILE B 45 26.87 26.76 -11.90
CA ILE B 45 25.55 26.24 -12.35
C ILE B 45 25.07 25.15 -11.36
N ILE B 46 26.01 24.31 -10.94
CA ILE B 46 25.69 23.22 -10.03
C ILE B 46 25.33 23.80 -8.69
N GLN B 47 26.11 24.76 -8.21
CA GLN B 47 25.84 25.36 -6.93
C GLN B 47 24.41 25.93 -6.91
N ASN B 48 24.07 26.67 -7.97
CA ASN B 48 22.77 27.32 -8.05
C ASN B 48 21.61 26.32 -8.09
N VAL B 49 21.81 25.25 -8.83
CA VAL B 49 20.77 24.23 -8.90
C VAL B 49 20.56 23.56 -7.54
N VAL B 50 21.66 23.20 -6.87
CA VAL B 50 21.58 22.57 -5.54
C VAL B 50 20.84 23.49 -4.59
N ASN B 51 21.22 24.78 -4.59
CA ASN B 51 20.56 25.74 -3.71
C ASN B 51 19.04 25.77 -3.94
N ASN B 52 18.66 25.81 -5.22
CA ASN B 52 17.28 25.93 -5.58
C ASN B 52 16.52 24.62 -5.27
N LEU B 53 17.16 23.48 -5.54
CA LEU B 53 16.51 22.19 -5.18
C LEU B 53 16.18 22.09 -3.69
N ILE B 54 17.08 22.57 -2.87
CA ILE B 54 16.88 22.57 -1.43
C ILE B 54 15.82 23.55 -0.97
N ILE B 55 15.88 24.77 -1.48
CA ILE B 55 14.82 25.73 -1.26
C ILE B 55 13.46 25.13 -1.60
N ASP B 56 13.39 24.41 -2.71
CA ASP B 56 12.12 23.83 -3.19
C ASP B 56 11.76 22.51 -2.46
N LYS B 57 12.64 22.07 -1.55
CA LYS B 57 12.46 20.84 -0.79
C LYS B 57 12.24 19.64 -1.72
N ARG B 58 13.05 19.54 -2.77
CA ARG B 58 12.92 18.46 -3.71
C ARG B 58 13.60 17.20 -3.19
N ARG B 59 12.85 16.13 -3.10
CA ARG B 59 13.52 14.89 -2.63
C ARG B 59 14.55 14.41 -3.64
N ASN B 60 14.38 14.76 -4.92
CA ASN B 60 15.32 14.33 -5.94
C ASN B 60 16.72 14.89 -5.78
N THR B 61 16.89 15.91 -4.93
CA THR B 61 18.21 16.34 -4.55
C THR B 61 19.09 15.14 -4.08
N MET B 62 18.49 14.23 -3.32
CA MET B 62 19.26 13.08 -2.75
C MET B 62 19.78 12.22 -3.86
N GLU B 63 18.91 11.89 -4.83
CA GLU B 63 19.28 11.08 -5.96
C GLU B 63 20.39 11.74 -6.79
N TYR B 64 20.29 13.04 -6.98
CA TYR B 64 21.28 13.76 -7.76
C TYR B 64 22.63 13.67 -7.07
N CYS B 65 22.64 13.87 -5.77
CA CYS B 65 23.86 13.72 -4.97
C CYS B 65 24.45 12.34 -5.05
N TYR B 66 23.59 11.34 -4.87
CA TYR B 66 24.05 9.95 -4.89
C TYR B 66 24.65 9.61 -6.26
N LYS B 67 23.96 9.97 -7.33
CA LYS B 67 24.41 9.62 -8.66
C LYS B 67 25.73 10.33 -9.02
N LEU B 68 25.94 11.56 -8.52
CA LEU B 68 27.28 12.17 -8.58
C LEU B 68 28.29 11.36 -7.80
N TRP B 69 27.89 10.96 -6.61
CA TRP B 69 28.78 10.24 -5.70
C TRP B 69 29.30 8.95 -6.28
N VAL B 70 28.45 8.23 -6.99
CA VAL B 70 28.88 6.94 -7.58
C VAL B 70 29.21 7.08 -9.06
N GLY B 71 29.21 8.31 -9.57
CA GLY B 71 29.43 8.57 -10.99
C GLY B 71 30.61 9.51 -11.26
N ASN B 72 31.64 9.40 -10.45
CA ASN B 72 32.91 10.18 -10.61
C ASN B 72 32.73 11.66 -10.30
N GLY B 73 31.74 11.98 -9.46
CA GLY B 73 31.44 13.36 -9.11
C GLY B 73 31.57 13.66 -7.63
N GLN B 74 32.48 12.96 -6.97
CA GLN B 74 32.63 13.15 -5.51
C GLN B 74 33.17 14.52 -5.16
N GLU B 75 34.07 15.05 -5.99
CA GLU B 75 34.57 16.39 -5.75
C GLU B 75 33.49 17.44 -5.90
N ILE B 76 32.60 17.27 -6.88
CA ILE B 76 31.43 18.13 -7.04
C ILE B 76 30.54 18.09 -5.80
N VAL B 77 30.32 16.89 -5.24
CA VAL B 77 29.53 16.79 -4.00
C VAL B 77 30.21 17.56 -2.88
N ARG B 78 31.51 17.36 -2.75
CA ARG B 78 32.31 18.05 -1.70
C ARG B 78 32.22 19.58 -1.84
N LYS B 79 32.27 20.06 -3.08
CA LYS B 79 32.33 21.49 -3.34
C LYS B 79 31.00 22.21 -3.24
N TYR B 80 29.92 21.58 -3.72
CA TYR B 80 28.67 22.29 -3.98
C TYR B 80 27.50 21.90 -3.10
N PHE B 81 27.62 20.80 -2.37
CA PHE B 81 26.57 20.41 -1.43
C PHE B 81 27.03 20.66 0.01
N PRO B 82 26.09 20.91 0.94
CA PRO B 82 26.44 21.03 2.32
C PRO B 82 27.15 19.78 2.82
N LEU B 83 27.98 19.98 3.84
CA LEU B 83 28.78 18.92 4.43
C LEU B 83 27.95 17.65 4.71
N ASN B 84 26.75 17.82 5.22
CA ASN B 84 25.96 16.65 5.63
C ASN B 84 25.65 15.69 4.49
N PHE B 85 25.62 16.18 3.24
CA PHE B 85 25.40 15.31 2.10
C PHE B 85 26.55 14.35 1.92
N ARG B 86 27.76 14.84 2.13
CA ARG B 86 28.90 13.99 2.07
C ARG B 86 28.94 12.98 3.25
N LEU B 87 28.56 13.43 4.45
CA LEU B 87 28.44 12.50 5.57
C LEU B 87 27.52 11.35 5.28
N ILE B 88 26.40 11.66 4.64
CA ILE B 88 25.42 10.65 4.26
C ILE B 88 25.97 9.69 3.22
N MET B 89 26.46 10.21 2.10
CA MET B 89 26.87 9.36 0.97
C MET B 89 28.13 8.57 1.27
N ALA B 90 29.02 9.12 2.08
CA ALA B 90 30.29 8.48 2.40
C ALA B 90 30.20 7.48 3.55
N GLY B 91 29.10 7.46 4.26
CA GLY B 91 28.91 6.53 5.33
C GLY B 91 29.68 6.87 6.58
N ASN B 92 29.88 8.16 6.81
CA ASN B 92 30.52 8.64 8.05
C ASN B 92 29.62 8.49 9.25
N TYR B 93 30.22 8.46 10.44
CA TYR B 93 29.45 8.44 11.65
C TYR B 93 28.80 9.80 11.87
N VAL B 94 27.52 9.77 12.22
CA VAL B 94 26.74 10.98 12.40
C VAL B 94 25.87 10.90 13.65
N LYS B 95 25.36 12.05 14.06
CA LYS B 95 24.24 12.15 14.99
C LYS B 95 23.08 12.66 14.24
N ILE B 96 21.89 12.22 14.65
CA ILE B 96 20.66 12.56 14.02
C ILE B 96 19.79 13.21 15.11
N ILE B 97 19.66 14.52 15.01
CA ILE B 97 19.08 15.33 16.07
C ILE B 97 17.83 16.06 15.62
N TYR B 98 16.73 15.92 16.39
CA TYR B 98 15.44 16.45 15.99
C TYR B 98 15.42 17.95 16.19
N ARG B 99 15.03 18.68 15.16
CA ARG B 99 15.08 20.15 15.22
C ARG B 99 14.20 20.69 16.36
N ASN B 100 12.98 20.19 16.45
CA ASN B 100 12.00 20.76 17.35
C ASN B 100 12.41 20.69 18.82
N TYR B 101 12.97 19.56 19.25
CA TYR B 101 13.27 19.32 20.66
C TYR B 101 14.77 19.25 20.94
N ASN B 102 15.60 19.32 19.90
CA ASN B 102 17.04 19.15 20.03
C ASN B 102 17.42 17.88 20.78
N LEU B 103 16.79 16.77 20.43
CA LEU B 103 17.12 15.45 21.03
C LEU B 103 17.73 14.54 19.98
N ALA B 104 18.76 13.81 20.36
CA ALA B 104 19.43 12.87 19.43
C ALA B 104 18.73 11.52 19.40
N LEU B 105 18.59 10.96 18.21
CA LEU B 105 18.06 9.62 18.02
C LEU B 105 18.95 8.55 18.62
N LYS B 106 18.33 7.58 19.27
CA LYS B 106 19.02 6.41 19.82
C LYS B 106 18.09 5.20 19.75
N LEU B 107 18.64 4.05 20.07
CA LEU B 107 17.82 2.87 20.41
C LEU B 107 17.89 2.62 21.92
N GLY B 108 16.81 2.04 22.46
CA GLY B 108 16.72 1.65 23.87
C GLY B 108 17.54 0.42 24.24
N SER B 109 17.63 0.14 25.54
CA SER B 109 18.55 -0.88 26.03
C SER B 109 17.91 -2.27 26.15
N THR B 110 16.60 -2.36 25.99
CA THR B 110 15.89 -3.62 26.15
C THR B 110 15.42 -4.11 24.77
N THR B 111 15.39 -5.42 24.59
CA THR B 111 14.93 -6.03 23.37
C THR B 111 13.65 -6.82 23.65
N ASN B 112 12.80 -6.94 22.62
CA ASN B 112 11.54 -7.68 22.75
C ASN B 112 11.76 -9.10 22.25
N PRO B 113 10.72 -9.95 22.24
CA PRO B 113 10.95 -11.32 21.79
C PRO B 113 11.40 -11.46 20.35
N SER B 114 11.19 -10.41 19.52
CA SER B 114 11.71 -10.39 18.14
C SER B 114 13.14 -9.90 18.06
N ASN B 115 13.75 -9.71 19.22
CA ASN B 115 15.09 -9.22 19.33
C ASN B 115 15.21 -7.80 18.79
N GLU B 116 14.16 -7.02 18.91
CA GLU B 116 14.16 -5.63 18.40
C GLU B 116 14.10 -4.66 19.58
N ARG B 117 14.77 -3.51 19.36
CA ARG B 117 14.78 -2.40 20.30
C ARG B 117 13.80 -1.33 19.86
N ILE B 118 13.41 -0.48 20.78
CA ILE B 118 12.56 0.65 20.50
C ILE B 118 13.46 1.89 20.31
N ALA B 119 13.11 2.72 19.32
CA ALA B 119 13.83 3.99 19.05
C ALA B 119 13.24 5.13 19.86
N TYR B 120 14.12 6.04 20.27
CA TYR B 120 13.76 7.19 21.07
C TYR B 120 14.64 8.37 20.67
N GLY B 121 14.20 9.56 21.07
CA GLY B 121 15.10 10.72 21.20
C GLY B 121 15.53 10.78 22.64
N ASP B 122 16.85 10.80 22.87
CA ASP B 122 17.36 10.81 24.22
C ASP B 122 17.10 12.18 24.85
N GLY B 123 16.62 12.17 26.10
CA GLY B 123 16.36 13.44 26.76
C GLY B 123 17.55 14.31 27.12
N VAL B 124 18.72 13.71 27.26
CA VAL B 124 19.91 14.36 27.82
C VAL B 124 21.16 14.25 26.93
N ASP B 125 21.43 13.05 26.41
CA ASP B 125 22.68 12.69 25.76
C ASP B 125 22.67 13.03 24.26
N LYS B 126 23.60 13.90 23.86
CA LYS B 126 23.81 14.22 22.44
C LYS B 126 25.24 13.89 21.99
N HIS B 127 26.00 13.18 22.81
CA HIS B 127 27.43 13.10 22.62
C HIS B 127 28.10 11.73 22.73
N THR B 128 27.58 10.83 23.54
CA THR B 128 28.24 9.52 23.68
C THR B 128 27.95 8.60 22.50
N GLU B 129 28.65 7.46 22.47
CA GLU B 129 28.42 6.41 21.44
C GLU B 129 26.97 5.93 21.31
N LEU B 130 26.16 6.13 22.34
CA LEU B 130 24.74 5.82 22.28
C LEU B 130 23.98 6.48 21.12
N VAL B 131 24.44 7.64 20.69
CA VAL B 131 23.74 8.40 19.65
C VAL B 131 24.46 8.41 18.29
N SER B 132 25.41 7.49 18.08
CA SER B 132 26.15 7.34 16.80
C SER B 132 25.39 6.47 15.82
N TRP B 133 25.29 6.95 14.57
CA TRP B 133 24.68 6.21 13.47
C TRP B 133 25.54 6.36 12.22
N LYS B 134 25.24 5.55 11.22
CA LYS B 134 25.77 5.77 9.86
C LYS B 134 24.69 5.33 8.86
N PHE B 135 24.82 5.84 7.66
CA PHE B 135 23.87 5.52 6.57
C PHE B 135 24.53 4.62 5.56
N ILE B 136 23.73 3.70 5.04
CA ILE B 136 24.13 2.84 3.95
CA ILE B 136 24.12 2.85 3.95
C ILE B 136 23.11 3.09 2.84
N THR B 137 23.61 3.34 1.64
CA THR B 137 22.71 3.62 0.47
C THR B 137 22.26 2.38 -0.27
N LEU B 138 21.11 2.49 -0.91
CA LEU B 138 20.53 1.46 -1.78
C LEU B 138 19.93 2.20 -2.97
N TRP B 139 20.21 1.75 -4.19
CA TRP B 139 19.58 2.32 -5.37
C TRP B 139 18.60 1.36 -5.98
N GLU B 140 17.35 1.77 -6.08
CA GLU B 140 16.26 0.95 -6.66
C GLU B 140 15.16 1.85 -7.14
N ASN B 141 14.50 1.47 -8.24
CA ASN B 141 13.33 2.24 -8.72
C ASN B 141 13.72 3.70 -9.02
N ASN B 142 14.93 3.88 -9.53
CA ASN B 142 15.46 5.21 -9.90
C ASN B 142 15.48 6.16 -8.73
N ARG B 143 15.65 5.60 -7.56
CA ARG B 143 15.60 6.31 -6.28
C ARG B 143 16.69 5.82 -5.34
N VAL B 144 17.10 6.73 -4.43
CA VAL B 144 18.07 6.36 -3.41
C VAL B 144 17.36 6.23 -2.08
N TYR B 145 17.60 5.10 -1.44
CA TYR B 145 17.10 4.85 -0.09
C TYR B 145 18.26 4.64 0.85
N PHE B 146 17.96 4.80 2.14
CA PHE B 146 18.94 4.66 3.19
C PHE B 146 18.56 3.63 4.22
N LYS B 147 19.57 2.84 4.58
CA LYS B 147 19.54 1.99 5.80
C LYS B 147 20.23 2.79 6.88
N ILE B 148 19.58 2.89 8.05
CA ILE B 148 20.00 3.78 9.11
C ILE B 148 20.51 2.91 10.24
N HIS B 149 21.84 2.84 10.35
CA HIS B 149 22.51 1.84 11.14
C HIS B 149 23.02 2.42 12.45
N ASN B 150 22.60 1.79 13.54
CA ASN B 150 22.99 2.20 14.92
C ASN B 150 24.35 1.59 15.29
N THR B 151 25.31 2.42 15.65
CA THR B 151 26.66 1.97 15.95
C THR B 151 26.71 1.09 17.22
N LYS B 152 26.07 1.53 18.27
CA LYS B 152 26.20 0.84 19.56
C LYS B 152 25.64 -0.59 19.51
N TYR B 153 24.49 -0.76 18.89
CA TYR B 153 23.76 -2.02 18.95
C TYR B 153 23.78 -2.81 17.68
N ASN B 154 24.36 -2.28 16.62
CA ASN B 154 24.46 -2.99 15.32
C ASN B 154 23.08 -3.41 14.81
N GLN B 155 22.17 -2.44 14.78
CA GLN B 155 20.81 -2.66 14.31
C GLN B 155 20.41 -1.50 13.42
N TYR B 156 19.34 -1.71 12.64
CA TYR B 156 18.87 -0.77 11.66
C TYR B 156 17.50 -0.22 12.07
N LEU B 157 17.33 1.08 11.89
CA LEU B 157 16.05 1.72 12.14
C LEU B 157 14.98 1.16 11.23
N LYS B 158 13.82 0.88 11.78
CA LYS B 158 12.73 0.29 10.99
C LYS B 158 11.36 0.60 11.56
N MET B 159 10.33 0.28 10.78
CA MET B 159 9.02 0.10 11.32
C MET B 159 8.69 -1.39 11.29
N SER B 160 7.63 -1.77 11.99
CA SER B 160 7.33 -3.18 12.23
C SER B 160 7.15 -3.98 10.96
N THR B 161 7.86 -5.10 10.87
CA THR B 161 7.68 -5.99 9.73
C THR B 161 6.61 -7.04 9.91
N THR B 162 5.98 -7.07 11.07
CA THR B 162 4.85 -7.98 11.28
C THR B 162 3.51 -7.29 11.28
N THR B 163 3.48 -5.97 11.45
CA THR B 163 2.22 -5.27 11.53
C THR B 163 1.51 -5.27 10.17
N CYS B 164 0.21 -5.00 10.22
CA CYS B 164 -0.67 -4.92 9.02
C CYS B 164 -0.21 -3.78 8.12
N ASN B 165 -0.45 -3.92 6.82
CA ASN B 165 -0.29 -2.82 5.91
C ASN B 165 -1.65 -2.11 5.84
N CYS B 166 -2.00 -1.40 6.89
CA CYS B 166 -3.35 -0.82 7.00
C CYS B 166 -3.32 0.32 8.00
N ASN B 167 -4.43 1.03 8.14
CA ASN B 167 -4.45 2.27 8.92
C ASN B 167 -4.27 2.05 10.42
N SER B 168 -4.57 0.85 10.90
CA SER B 168 -4.35 0.51 12.30
C SER B 168 -2.90 -0.05 12.59
N ARG B 169 -1.99 0.12 11.65
CA ARG B 169 -0.63 -0.42 11.80
C ARG B 169 0.18 0.21 12.94
N ASP B 170 0.96 -0.62 13.63
CA ASP B 170 1.94 -0.17 14.63
C ASP B 170 2.76 0.97 14.04
N ARG B 171 2.79 2.12 14.71
CA ARG B 171 3.59 3.24 14.25
C ARG B 171 4.88 3.46 15.03
N VAL B 172 5.18 2.57 15.95
CA VAL B 172 6.42 2.65 16.72
C VAL B 172 7.63 2.38 15.81
N VAL B 173 8.70 3.14 16.02
CA VAL B 173 9.93 2.94 15.26
C VAL B 173 10.84 2.09 16.15
N TYR B 174 11.46 1.10 15.55
CA TYR B 174 12.28 0.09 16.19
C TYR B 174 13.65 0.05 15.61
N GLY B 175 14.48 -0.82 16.21
CA GLY B 175 15.76 -1.21 15.62
C GLY B 175 15.76 -2.69 15.45
N GLY B 176 16.17 -3.19 14.29
CA GLY B 176 16.22 -4.63 14.00
C GLY B 176 17.54 -5.06 13.39
N ASN B 177 17.71 -6.37 13.24
CA ASN B 177 19.01 -6.88 12.82
C ASN B 177 19.29 -6.76 11.33
N SER B 178 18.28 -6.61 10.52
CA SER B 178 18.52 -6.50 9.08
C SER B 178 17.72 -5.39 8.45
N ALA B 179 18.06 -5.10 7.19
CA ALA B 179 17.44 -3.96 6.50
C ALA B 179 17.07 -4.27 5.07
N ASP B 180 16.66 -5.52 4.81
CA ASP B 180 16.26 -5.92 3.47
C ASP B 180 14.81 -5.53 3.09
N SER B 181 13.96 -5.27 4.05
CA SER B 181 12.55 -4.98 3.80
C SER B 181 12.39 -3.48 3.51
N THR B 182 11.42 -3.17 2.69
CA THR B 182 11.07 -1.77 2.45
C THR B 182 10.67 -1.05 3.75
N ARG B 183 10.25 -1.81 4.75
CA ARG B 183 9.89 -1.24 6.04
C ARG B 183 11.12 -0.87 6.89
N GLU B 184 12.29 -1.35 6.48
CA GLU B 184 13.57 -1.14 7.12
C GLU B 184 14.47 -0.16 6.35
N GLN B 185 13.85 0.59 5.45
CA GLN B 185 14.52 1.51 4.56
C GLN B 185 13.77 2.84 4.56
N TRP B 186 14.52 3.91 4.25
CA TRP B 186 14.09 5.28 4.44
C TRP B 186 14.47 6.14 3.25
N PHE B 187 13.74 7.22 3.05
CA PHE B 187 14.13 8.24 2.08
C PHE B 187 14.10 9.60 2.73
N PHE B 188 14.91 10.54 2.21
CA PHE B 188 15.06 11.84 2.81
C PHE B 188 14.52 12.95 1.87
N GLN B 189 14.13 14.05 2.50
CA GLN B 189 13.73 15.26 1.74
C GLN B 189 14.37 16.44 2.44
N PRO B 190 15.23 17.16 1.73
CA PRO B 190 15.94 18.27 2.40
C PRO B 190 15.09 19.51 2.51
N ALA B 191 15.47 20.39 3.42
CA ALA B 191 14.85 21.68 3.57
C ALA B 191 15.86 22.60 4.21
N LYS B 192 15.79 23.88 3.86
CA LYS B 192 16.67 24.89 4.43
C LYS B 192 15.81 25.61 5.45
N TYR B 193 16.23 25.63 6.69
CA TYR B 193 15.51 26.36 7.72
C TYR B 193 16.50 27.12 8.59
N GLU B 194 16.28 28.43 8.66
CA GLU B 194 17.24 29.35 9.25
C GLU B 194 18.58 29.10 8.52
N ASN B 195 19.68 28.83 9.19
CA ASN B 195 20.92 28.67 8.40
C ASN B 195 21.26 27.24 8.04
N ASP B 196 20.31 26.31 8.26
CA ASP B 196 20.68 24.91 8.29
C ASP B 196 19.98 24.16 7.19
N VAL B 197 20.64 23.13 6.63
CA VAL B 197 19.96 22.15 5.77
C VAL B 197 19.60 20.96 6.66
N LEU B 198 18.29 20.72 6.76
CA LEU B 198 17.73 19.66 7.58
C LEU B 198 17.04 18.68 6.66
N PHE B 199 16.62 17.57 7.23
CA PHE B 199 15.96 16.50 6.48
C PHE B 199 14.71 16.02 7.13
N PHE B 200 13.69 15.89 6.34
CA PHE B 200 12.57 15.02 6.71
C PHE B 200 12.94 13.59 6.33
N ILE B 201 12.68 12.65 7.24
CA ILE B 201 13.10 11.27 7.06
C ILE B 201 11.81 10.40 7.02
N TYR B 202 11.59 9.70 5.92
CA TYR B 202 10.36 8.95 5.69
C TYR B 202 10.61 7.47 5.52
N ASN B 203 9.70 6.67 6.05
CA ASN B 203 9.78 5.20 5.86
C ASN B 203 9.42 4.86 4.40
N ARG B 204 10.24 4.07 3.75
CA ARG B 204 10.01 3.72 2.35
C ARG B 204 8.63 3.06 2.15
N GLN B 205 8.29 2.05 2.96
CA GLN B 205 7.06 1.31 2.73
C GLN B 205 5.87 2.13 3.14
N PHE B 206 5.89 2.69 4.35
CA PHE B 206 4.70 3.31 4.91
C PHE B 206 4.55 4.78 4.59
N ASN B 207 5.62 5.41 4.12
CA ASN B 207 5.64 6.84 3.82
C ASN B 207 5.50 7.74 5.07
N ASP B 208 5.57 7.19 6.27
CA ASP B 208 5.39 8.00 7.46
C ASP B 208 6.72 8.73 7.74
N ALA B 209 6.61 9.98 8.15
CA ALA B 209 7.76 10.76 8.62
C ALA B 209 8.18 10.34 10.02
N LEU B 210 9.47 10.17 10.21
CA LEU B 210 10.07 9.93 11.51
C LEU B 210 9.86 11.18 12.39
N GLU B 211 9.20 10.98 13.53
CA GLU B 211 8.80 12.03 14.44
C GLU B 211 9.17 11.63 15.86
N LEU B 212 9.38 12.62 16.73
CA LEU B 212 9.42 12.35 18.16
C LEU B 212 8.11 12.75 18.79
N GLY B 213 7.52 11.80 19.50
CA GLY B 213 6.23 12.00 20.14
C GLY B 213 6.37 12.40 21.60
N THR B 214 5.50 11.81 22.43
CA THR B 214 5.45 12.18 23.84
C THR B 214 6.65 11.70 24.65
N ILE B 215 6.87 12.40 25.76
CA ILE B 215 7.90 12.03 26.72
C ILE B 215 7.51 10.73 27.43
N VAL B 216 8.47 9.81 27.61
CA VAL B 216 8.18 8.51 28.17
C VAL B 216 8.88 8.20 29.50
N ASN B 217 9.72 9.10 30.00
CA ASN B 217 10.42 8.87 31.27
C ASN B 217 10.93 10.15 31.87
N ALA B 218 11.43 10.03 33.10
CA ALA B 218 11.88 11.16 33.85
C ALA B 218 13.08 11.85 33.23
N SER B 219 13.91 11.12 32.47
CA SER B 219 15.04 11.71 31.76
C SER B 219 14.65 12.53 30.55
N GLY B 220 13.41 12.40 30.13
CA GLY B 220 12.88 13.27 29.09
C GLY B 220 12.99 12.62 27.72
N ASP B 221 13.26 11.31 27.66
CA ASP B 221 13.27 10.60 26.39
C ASP B 221 11.90 10.69 25.75
N ARG B 222 11.86 10.79 24.41
CA ARG B 222 10.60 10.84 23.66
C ARG B 222 10.56 9.64 22.72
N LYS B 223 9.39 9.04 22.57
CA LYS B 223 9.25 7.91 21.69
C LYS B 223 9.41 8.37 20.24
N ALA B 224 10.10 7.56 19.44
CA ALA B 224 10.16 7.79 18.00
C ALA B 224 8.99 6.99 17.35
N VAL B 225 8.22 7.68 16.52
CA VAL B 225 7.05 7.10 15.85
C VAL B 225 6.96 7.58 14.41
N GLY B 226 6.13 6.89 13.62
CA GLY B 226 5.86 7.32 12.26
C GLY B 226 4.62 8.23 12.25
N HIS B 227 4.78 9.45 11.76
CA HIS B 227 3.72 10.42 11.72
C HIS B 227 2.72 10.10 10.65
N ASP B 228 1.46 10.39 10.94
CA ASP B 228 0.39 10.18 10.01
C ASP B 228 0.08 11.55 9.35
N GLY B 229 0.55 11.75 8.11
CA GLY B 229 0.21 12.94 7.35
C GLY B 229 1.40 13.76 6.87
N GLU B 230 1.10 14.78 6.08
CA GLU B 230 2.11 15.62 5.42
C GLU B 230 2.84 16.48 6.45
N VAL B 231 4.15 16.60 6.28
CA VAL B 231 5.02 17.34 7.22
C VAL B 231 5.93 18.40 6.55
N ALA B 232 6.02 18.40 5.23
CA ALA B 232 7.09 19.14 4.53
C ALA B 232 7.01 20.65 4.70
N GLY B 233 5.84 21.16 5.03
CA GLY B 233 5.66 22.59 5.30
C GLY B 233 6.20 23.02 6.65
N LEU B 234 6.58 22.07 7.52
CA LEU B 234 6.96 22.38 8.90
C LEU B 234 8.31 21.81 9.32
N PRO B 235 9.40 22.29 8.72
CA PRO B 235 10.71 21.77 9.10
C PRO B 235 11.08 22.09 10.54
N ASP B 236 10.51 23.17 11.06
CA ASP B 236 10.73 23.51 12.47
C ASP B 236 10.12 22.46 13.43
N ILE B 237 9.11 21.72 12.97
CA ILE B 237 8.41 20.77 13.79
C ILE B 237 8.90 19.31 13.57
N TYR B 238 9.19 18.94 12.32
CA TYR B 238 9.37 17.54 11.98
C TYR B 238 10.70 17.15 11.28
N SER B 239 11.66 18.06 11.16
CA SER B 239 12.91 17.73 10.47
C SER B 239 14.05 17.39 11.43
N TRP B 240 15.10 16.85 10.87
CA TRP B 240 16.26 16.36 11.59
C TRP B 240 17.53 17.02 11.11
N PHE B 241 18.40 17.36 12.04
CA PHE B 241 19.80 17.69 11.72
C PHE B 241 20.60 16.40 11.55
N ILE B 242 21.52 16.39 10.58
CA ILE B 242 22.52 15.34 10.44
C ILE B 242 23.89 16.01 10.55
N THR B 243 24.63 15.66 11.59
CA THR B 243 25.91 16.29 11.92
C THR B 243 26.99 15.25 12.24
N PRO B 244 28.26 15.64 12.17
CA PRO B 244 29.28 14.63 12.40
C PRO B 244 29.27 14.16 13.82
N PHE B 245 29.53 12.87 14.01
CA PHE B 245 29.55 12.35 15.33
C PHE B 245 30.80 12.84 16.06
N SER C 6 22.23 -19.13 3.97
CA SER C 6 20.96 -18.59 4.51
CA SER C 6 20.97 -18.61 4.63
C SER C 6 21.14 -17.15 5.05
N ALA C 7 22.29 -16.84 5.66
CA ALA C 7 22.61 -15.48 6.16
C ALA C 7 22.68 -14.32 5.10
N ASP C 8 23.19 -14.60 3.88
CA ASP C 8 23.12 -13.62 2.74
C ASP C 8 21.85 -13.78 1.88
N THR C 9 21.47 -15.04 1.63
CA THR C 9 20.23 -15.37 0.92
C THR C 9 19.03 -14.68 1.53
N SER C 10 18.24 -14.04 0.68
CA SER C 10 17.07 -13.29 1.16
C SER C 10 15.99 -14.21 1.75
N ASN C 11 15.15 -13.64 2.62
CA ASN C 11 14.06 -14.40 3.17
C ASN C 11 13.15 -14.92 2.05
N GLN C 12 12.92 -14.12 1.03
CA GLN C 12 12.06 -14.53 -0.08
C GLN C 12 12.61 -15.76 -0.79
N ASP C 13 13.91 -15.77 -1.06
CA ASP C 13 14.55 -16.90 -1.68
C ASP C 13 14.51 -18.16 -0.78
N LEU C 14 14.66 -17.98 0.53
CA LEU C 14 14.51 -19.09 1.46
C LEU C 14 13.09 -19.62 1.54
N GLU C 15 12.11 -18.72 1.48
CA GLU C 15 10.70 -19.11 1.43
C GLU C 15 10.47 -20.03 0.22
N GLU C 16 11.08 -19.66 -0.91
CA GLU C 16 10.89 -20.42 -2.13
C GLU C 16 11.48 -21.82 -1.97
N LYS C 17 12.68 -21.86 -1.41
CA LYS C 17 13.39 -23.12 -1.19
C LYS C 17 12.61 -24.04 -0.24
N LEU C 18 12.06 -23.47 0.82
CA LEU C 18 11.31 -24.26 1.79
C LEU C 18 10.01 -24.80 1.16
N TYR C 19 9.27 -23.94 0.47
CA TYR C 19 8.05 -24.39 -0.21
C TYR C 19 8.37 -25.52 -1.18
N ASN C 20 9.41 -25.34 -1.98
CA ASN C 20 9.82 -26.34 -2.98
C ASN C 20 10.11 -27.69 -2.34
N SER C 21 10.81 -27.68 -1.22
CA SER C 21 11.11 -28.89 -0.49
C SER C 21 9.84 -29.60 -0.04
N ILE C 22 8.87 -28.86 0.42
CA ILE C 22 7.60 -29.41 0.85
C ILE C 22 6.86 -30.01 -0.34
N LEU C 23 6.80 -29.26 -1.41
CA LEU C 23 6.09 -29.72 -2.62
CA LEU C 23 6.05 -29.73 -2.58
C LEU C 23 6.65 -31.00 -3.17
N THR C 24 7.96 -31.15 -3.14
CA THR C 24 8.64 -32.32 -3.68
C THR C 24 8.67 -33.48 -2.73
N GLY C 25 8.23 -33.26 -1.51
CA GLY C 25 8.21 -34.33 -0.49
C GLY C 25 9.54 -34.58 0.17
N ASP C 26 10.45 -33.60 0.11
CA ASP C 26 11.72 -33.68 0.83
C ASP C 26 11.53 -33.09 2.19
N TYR C 27 10.77 -33.80 3.00
CA TYR C 27 10.37 -33.29 4.32
C TYR C 27 11.53 -33.20 5.27
N ASP C 28 12.55 -34.04 5.11
CA ASP C 28 13.71 -33.95 6.00
C ASP C 28 14.48 -32.65 5.78
N SER C 29 14.61 -32.23 4.53
CA SER C 29 15.18 -30.90 4.22
C SER C 29 14.25 -29.80 4.75
N ALA C 30 12.93 -29.92 4.55
CA ALA C 30 11.98 -28.92 5.03
C ALA C 30 12.06 -28.70 6.55
N VAL C 31 12.19 -29.79 7.29
CA VAL C 31 12.33 -29.71 8.75
C VAL C 31 13.69 -29.10 9.17
N ARG C 32 14.78 -29.55 8.55
CA ARG C 32 16.10 -29.00 8.83
CA ARG C 32 16.10 -29.00 8.83
C ARG C 32 16.14 -27.49 8.58
N GLN C 33 15.65 -27.07 7.41
CA GLN C 33 15.53 -25.66 7.08
C GLN C 33 14.72 -24.87 8.10
N SER C 34 13.58 -25.43 8.51
CA SER C 34 12.66 -24.76 9.44
C SER C 34 13.32 -24.53 10.78
N LEU C 35 13.98 -25.58 11.29
CA LEU C 35 14.71 -25.46 12.58
C LEU C 35 15.81 -24.41 12.50
N GLU C 36 16.55 -24.40 11.39
CA GLU C 36 17.58 -23.38 11.20
C GLU C 36 17.00 -21.97 11.14
N TYR C 37 15.93 -21.76 10.35
CA TYR C 37 15.36 -20.40 10.21
C TYR C 37 14.83 -19.90 11.52
N GLU C 38 14.20 -20.79 12.27
CA GLU C 38 13.65 -20.40 13.57
C GLU C 38 14.79 -20.01 14.54
N SER C 39 15.86 -20.78 14.52
CA SER C 39 17.07 -20.47 15.33
C SER C 39 17.75 -19.16 14.99
N GLN C 40 17.61 -18.72 13.76
CA GLN C 40 18.20 -17.46 13.28
C GLN C 40 17.27 -16.27 13.45
N GLY C 41 16.11 -16.47 14.06
CA GLY C 41 15.10 -15.42 14.21
C GLY C 41 14.36 -15.07 12.92
N LYS C 42 14.37 -16.00 11.95
CA LYS C 42 13.76 -15.80 10.65
C LYS C 42 12.53 -16.72 10.53
N GLY C 43 11.80 -16.91 11.63
CA GLY C 43 10.57 -17.73 11.63
C GLY C 43 9.48 -17.19 10.73
N SER C 44 9.54 -15.90 10.39
CA SER C 44 8.63 -15.35 9.40
C SER C 44 8.64 -16.10 8.06
N ILE C 45 9.76 -16.73 7.72
CA ILE C 45 9.87 -17.53 6.50
C ILE C 45 8.86 -18.71 6.61
N ILE C 46 8.80 -19.30 7.77
CA ILE C 46 7.92 -20.45 8.01
C ILE C 46 6.49 -19.96 7.98
N GLN C 47 6.20 -18.87 8.67
CA GLN C 47 4.86 -18.34 8.69
C GLN C 47 4.34 -18.07 7.29
N ASN C 48 5.21 -17.48 6.47
CA ASN C 48 4.81 -17.18 5.09
C ASN C 48 4.58 -18.44 4.25
N VAL C 49 5.44 -19.43 4.39
CA VAL C 49 5.27 -20.69 3.66
C VAL C 49 3.99 -21.40 4.07
N VAL C 50 3.74 -21.50 5.37
CA VAL C 50 2.49 -22.09 5.88
C VAL C 50 1.27 -21.36 5.32
N ASN C 51 1.30 -20.02 5.37
CA ASN C 51 0.19 -19.24 4.87
C ASN C 51 -0.06 -19.53 3.40
N ASN C 52 1.02 -19.62 2.64
CA ASN C 52 0.91 -19.87 1.20
CA ASN C 52 0.90 -19.86 1.20
C ASN C 52 0.47 -21.30 0.91
N LEU C 53 0.97 -22.27 1.67
CA LEU C 53 0.52 -23.64 1.49
C LEU C 53 -0.97 -23.79 1.65
N ILE C 54 -1.50 -23.07 2.64
CA ILE C 54 -2.92 -23.14 2.94
C ILE C 54 -3.73 -22.42 1.92
N ILE C 55 -3.28 -21.23 1.49
CA ILE C 55 -3.93 -20.52 0.40
C ILE C 55 -3.95 -21.39 -0.85
N ASP C 56 -2.87 -22.11 -1.09
CA ASP C 56 -2.77 -22.94 -2.29
C ASP C 56 -3.52 -24.29 -2.11
N LYS C 57 -4.06 -24.54 -0.94
CA LYS C 57 -4.74 -25.77 -0.56
C LYS C 57 -3.87 -27.01 -0.80
N ARG C 58 -2.60 -26.90 -0.44
CA ARG C 58 -1.68 -28.00 -0.68
C ARG C 58 -1.87 -29.09 0.36
N ARG C 59 -2.13 -30.31 -0.10
CA ARG C 59 -2.23 -31.38 0.90
C ARG C 59 -0.92 -31.64 1.65
N ASN C 60 0.22 -31.32 1.04
CA ASN C 60 1.52 -31.49 1.67
C ASN C 60 1.75 -30.66 2.93
N THR C 61 0.90 -29.67 3.18
CA THR C 61 0.88 -28.96 4.43
C THR C 61 0.81 -29.94 5.61
N MET C 62 0.00 -31.00 5.47
CA MET C 62 -0.21 -31.94 6.55
C MET C 62 1.10 -32.69 6.86
N GLU C 63 1.75 -33.18 5.83
CA GLU C 63 3.00 -33.90 5.97
C GLU C 63 4.10 -33.00 6.57
N TYR C 64 4.13 -31.73 6.16
CA TYR C 64 5.12 -30.79 6.71
C TYR C 64 4.87 -30.56 8.20
N CYS C 65 3.63 -30.38 8.56
CA CYS C 65 3.26 -30.31 9.96
C CYS C 65 3.64 -31.56 10.76
N TYR C 66 3.30 -32.73 10.23
CA TYR C 66 3.58 -34.01 10.91
C TYR C 66 5.08 -34.18 11.08
N LYS C 67 5.84 -33.93 10.02
CA LYS C 67 7.32 -34.14 10.08
C LYS C 67 7.97 -33.16 11.05
N LEU C 68 7.44 -31.95 11.15
CA LEU C 68 7.91 -31.03 12.21
C LEU C 68 7.54 -31.60 13.59
N TRP C 69 6.31 -32.11 13.69
CA TRP C 69 5.76 -32.63 14.96
C TRP C 69 6.62 -33.75 15.54
N VAL C 70 7.09 -34.65 14.67
CA VAL C 70 7.92 -35.77 15.11
C VAL C 70 9.41 -35.51 14.94
N GLY C 71 9.78 -34.28 14.54
CA GLY C 71 11.14 -33.93 14.27
C GLY C 71 11.66 -32.77 15.10
N ASN C 72 11.20 -32.67 16.33
CA ASN C 72 11.63 -31.62 17.25
C ASN C 72 11.19 -30.23 16.87
N GLY C 73 10.09 -30.15 16.10
CA GLY C 73 9.54 -28.87 15.67
C GLY C 73 8.20 -28.52 16.25
N GLN C 74 7.91 -28.99 17.43
CA GLN C 74 6.56 -28.77 18.01
C GLN C 74 6.26 -27.29 18.39
N GLU C 75 7.28 -26.58 18.82
CA GLU C 75 7.13 -25.15 19.04
C GLU C 75 6.91 -24.38 17.76
N ILE C 76 7.57 -24.77 16.67
CA ILE C 76 7.29 -24.21 15.34
C ILE C 76 5.83 -24.43 14.96
N VAL C 77 5.31 -25.63 15.19
CA VAL C 77 3.93 -25.90 14.89
C VAL C 77 3.02 -24.98 15.70
N ARG C 78 3.29 -24.84 17.01
CA ARG C 78 2.45 -23.95 17.85
C ARG C 78 2.47 -22.51 17.33
N LYS C 79 3.66 -22.06 16.95
CA LYS C 79 3.83 -20.67 16.58
C LYS C 79 3.25 -20.28 15.24
N TYR C 80 3.32 -21.18 14.26
CA TYR C 80 3.08 -20.80 12.88
C TYR C 80 1.90 -21.48 12.22
N PHE C 81 1.36 -22.51 12.84
CA PHE C 81 0.14 -23.19 12.33
C PHE C 81 -1.02 -22.88 13.25
N PRO C 82 -2.22 -22.89 12.73
CA PRO C 82 -3.43 -22.87 13.57
C PRO C 82 -3.49 -24.00 14.62
N LEU C 83 -4.23 -23.75 15.70
CA LEU C 83 -4.43 -24.70 16.81
C LEU C 83 -4.87 -26.08 16.34
N ASN C 84 -5.77 -26.12 15.37
CA ASN C 84 -6.33 -27.41 14.97
C ASN C 84 -5.27 -28.38 14.48
N PHE C 85 -4.17 -27.87 13.91
CA PHE C 85 -3.08 -28.75 13.48
C PHE C 85 -2.52 -29.51 14.67
N ARG C 86 -2.39 -28.82 15.80
CA ARG C 86 -1.94 -29.42 17.05
C ARG C 86 -2.93 -30.47 17.57
N LEU C 87 -4.22 -30.17 17.47
CA LEU C 87 -5.24 -31.09 17.92
C LEU C 87 -5.21 -32.40 17.13
N ILE C 88 -4.94 -32.28 15.83
CA ILE C 88 -4.82 -33.40 14.95
C ILE C 88 -3.57 -34.24 15.29
N MET C 89 -2.40 -33.59 15.32
CA MET C 89 -1.14 -34.32 15.51
C MET C 89 -1.01 -34.90 16.92
N ALA C 90 -1.58 -34.22 17.89
CA ALA C 90 -1.42 -34.61 19.33
C ALA C 90 -2.44 -35.61 19.80
N GLY C 91 -3.46 -35.87 18.98
CA GLY C 91 -4.49 -36.84 19.32
C GLY C 91 -5.52 -36.36 20.36
N ASN C 92 -5.80 -35.06 20.37
CA ASN C 92 -6.81 -34.50 21.30
C ASN C 92 -8.21 -35.00 20.91
N TYR C 93 -9.14 -35.00 21.86
CA TYR C 93 -10.54 -35.19 21.50
C TYR C 93 -11.06 -33.96 20.76
N VAL C 94 -11.72 -34.21 19.64
CA VAL C 94 -12.20 -33.19 18.78
C VAL C 94 -13.63 -33.43 18.36
N LYS C 95 -14.28 -32.36 17.88
CA LYS C 95 -15.49 -32.48 17.11
C LYS C 95 -15.14 -32.17 15.66
N ILE C 96 -15.90 -32.81 14.77
CA ILE C 96 -15.67 -32.69 13.31
C ILE C 96 -16.95 -32.21 12.71
N ILE C 97 -17.00 -30.94 12.36
CA ILE C 97 -18.26 -30.26 12.07
C ILE C 97 -18.27 -29.77 10.63
N TYR C 98 -19.30 -30.13 9.89
CA TYR C 98 -19.37 -29.78 8.49
C TYR C 98 -19.68 -28.32 8.32
N ARG C 99 -18.88 -27.66 7.53
CA ARG C 99 -19.02 -26.20 7.36
C ARG C 99 -20.41 -25.84 6.78
N ASN C 100 -20.83 -26.55 5.75
CA ASN C 100 -22.04 -26.18 5.02
C ASN C 100 -23.32 -26.18 5.88
N TYR C 101 -23.47 -27.18 6.73
CA TYR C 101 -24.68 -27.37 7.48
C TYR C 101 -24.47 -27.22 8.98
N ASN C 102 -23.22 -27.00 9.42
CA ASN C 102 -22.90 -26.92 10.81
C ASN C 102 -23.39 -28.09 11.63
N LEU C 103 -23.16 -29.31 11.14
CA LEU C 103 -23.55 -30.53 11.84
C LEU C 103 -22.32 -31.35 12.19
N ALA C 104 -22.29 -31.89 13.41
CA ALA C 104 -21.16 -32.63 13.93
C ALA C 104 -21.27 -34.08 13.51
N LEU C 105 -20.14 -34.65 13.12
CA LEU C 105 -20.08 -36.05 12.75
C LEU C 105 -20.31 -36.97 13.96
N LYS C 106 -21.05 -38.06 13.72
CA LYS C 106 -21.23 -39.12 14.69
C LYS C 106 -21.38 -40.47 13.99
N LEU C 107 -21.41 -41.52 14.80
CA LEU C 107 -21.90 -42.82 14.33
C LEU C 107 -23.28 -43.09 14.91
N GLY C 108 -24.08 -43.84 14.15
CA GLY C 108 -25.41 -44.25 14.59
C GLY C 108 -25.39 -45.31 15.68
N SER C 109 -26.55 -45.58 16.30
CA SER C 109 -26.64 -46.49 17.45
C SER C 109 -26.87 -47.95 17.06
N THR C 110 -27.23 -48.21 15.82
CA THR C 110 -27.51 -49.57 15.38
C THR C 110 -26.31 -50.11 14.58
N THR C 111 -26.07 -51.41 14.67
CA THR C 111 -25.03 -52.05 13.90
C THR C 111 -25.68 -52.95 12.88
N ASN C 112 -24.98 -53.14 11.77
CA ASN C 112 -25.46 -54.06 10.73
C ASN C 112 -24.88 -55.45 10.98
N PRO C 113 -25.23 -56.43 10.11
CA PRO C 113 -24.67 -57.78 10.38
C PRO C 113 -23.13 -57.89 10.38
N SER C 114 -22.43 -56.91 9.78
CA SER C 114 -20.96 -56.85 9.82
C SER C 114 -20.43 -56.19 11.09
N ASN C 115 -21.35 -55.86 11.99
CA ASN C 115 -21.08 -55.17 13.22
C ASN C 115 -20.54 -53.74 12.99
N GLU C 116 -21.03 -53.12 11.93
CA GLU C 116 -20.61 -51.76 11.56
C GLU C 116 -21.77 -50.81 11.72
N ARG C 117 -21.43 -49.57 12.08
CA ARG C 117 -22.36 -48.48 12.23
CA ARG C 117 -22.35 -48.48 12.23
C ARG C 117 -22.30 -47.58 11.02
N ILE C 118 -23.39 -46.84 10.80
CA ILE C 118 -23.45 -45.83 9.74
C ILE C 118 -23.08 -44.47 10.32
N ALA C 119 -22.31 -43.70 9.55
CA ALA C 119 -21.90 -42.33 9.94
C ALA C 119 -22.92 -41.32 9.50
N TYR C 120 -23.10 -40.29 10.33
CA TYR C 120 -24.05 -39.23 10.05
C TYR C 120 -23.50 -37.90 10.57
N GLY C 121 -24.09 -36.81 10.07
CA GLY C 121 -24.01 -35.52 10.74
C GLY C 121 -25.25 -35.37 11.61
N ASP C 122 -25.06 -35.11 12.89
CA ASP C 122 -26.17 -35.07 13.84
C ASP C 122 -26.93 -33.77 13.64
N GLY C 123 -28.24 -33.86 13.58
CA GLY C 123 -29.07 -32.70 13.33
C GLY C 123 -29.00 -31.60 14.37
N VAL C 124 -28.64 -31.96 15.61
CA VAL C 124 -28.68 -31.01 16.76
C VAL C 124 -27.43 -31.01 17.64
N ASP C 125 -26.90 -32.20 17.94
CA ASP C 125 -25.90 -32.37 18.99
C ASP C 125 -24.50 -31.89 18.62
N LYS C 126 -23.98 -30.99 19.45
CA LYS C 126 -22.63 -30.45 19.30
C LYS C 126 -21.84 -30.62 20.57
N HIS C 127 -22.32 -31.44 21.52
CA HIS C 127 -21.72 -31.45 22.85
CA HIS C 127 -21.72 -31.44 22.84
C HIS C 127 -21.61 -32.80 23.54
N THR C 128 -22.51 -33.75 23.28
CA THR C 128 -22.45 -35.03 24.02
C THR C 128 -21.35 -35.93 23.47
N GLU C 129 -21.05 -36.98 24.24
CA GLU C 129 -20.02 -37.96 23.92
C GLU C 129 -20.22 -38.57 22.52
N LEU C 130 -21.45 -38.50 22.00
CA LEU C 130 -21.71 -39.02 20.62
C LEU C 130 -20.91 -38.29 19.53
N VAL C 131 -20.45 -37.07 19.75
CA VAL C 131 -19.74 -36.35 18.72
C VAL C 131 -18.23 -36.19 18.99
N SER C 132 -17.69 -36.98 19.92
CA SER C 132 -16.24 -36.99 20.21
C SER C 132 -15.47 -37.96 19.32
N TRP C 133 -14.37 -37.46 18.77
CA TRP C 133 -13.45 -38.26 17.96
C TRP C 133 -12.02 -37.96 18.37
N LYS C 134 -11.08 -38.76 17.90
CA LYS C 134 -9.68 -38.39 17.92
C LYS C 134 -9.00 -38.96 16.67
N PHE C 135 -7.86 -38.36 16.33
CA PHE C 135 -7.09 -38.78 15.15
C PHE C 135 -5.86 -39.52 15.56
N ILE C 136 -5.54 -40.57 14.79
CA ILE C 136 -4.31 -41.32 14.97
C ILE C 136 -3.55 -41.26 13.66
N THR C 137 -2.29 -40.89 13.70
CA THR C 137 -1.51 -40.68 12.48
C THR C 137 -0.83 -41.95 12.04
N LEU C 138 -0.57 -42.03 10.74
CA LEU C 138 0.15 -43.12 10.13
C LEU C 138 1.03 -42.54 9.06
N TRP C 139 2.31 -42.86 9.06
CA TRP C 139 3.23 -42.39 8.04
C TRP C 139 3.59 -43.52 7.07
N GLU C 140 3.25 -43.39 5.79
CA GLU C 140 3.51 -44.42 4.76
C GLU C 140 3.60 -43.76 3.41
N ASN C 141 4.46 -44.26 2.52
CA ASN C 141 4.53 -43.80 1.17
C ASN C 141 4.78 -42.26 1.17
N ASN C 142 5.64 -41.82 2.10
CA ASN C 142 6.07 -40.41 2.22
C ASN C 142 4.89 -39.47 2.39
N ARG C 143 3.82 -39.98 3.01
CA ARG C 143 2.58 -39.31 3.24
C ARG C 143 2.04 -39.56 4.65
N VAL C 144 1.25 -38.63 5.14
CA VAL C 144 0.59 -38.82 6.42
C VAL C 144 -0.89 -39.09 6.20
N TYR C 145 -1.37 -40.17 6.82
CA TYR C 145 -2.74 -40.52 6.84
C TYR C 145 -3.30 -40.53 8.25
N PHE C 146 -4.61 -40.47 8.34
CA PHE C 146 -5.31 -40.42 9.61
C PHE C 146 -6.33 -41.51 9.77
N LYS C 147 -6.32 -42.12 10.96
CA LYS C 147 -7.41 -43.03 11.40
C LYS C 147 -8.27 -42.16 12.26
N ILE C 148 -9.57 -42.17 11.99
CA ILE C 148 -10.53 -41.27 12.58
C ILE C 148 -11.39 -42.08 13.55
N HIS C 149 -11.09 -41.93 14.84
CA HIS C 149 -11.55 -42.85 15.87
C HIS C 149 -12.69 -42.24 16.67
N ASN C 150 -13.80 -42.96 16.72
CA ASN C 150 -14.99 -42.54 17.44
C ASN C 150 -14.88 -42.95 18.89
N THR C 151 -15.01 -41.98 19.78
CA THR C 151 -14.84 -42.22 21.21
C THR C 151 -15.93 -43.12 21.81
N LYS C 152 -17.18 -42.83 21.50
CA LYS C 152 -18.32 -43.52 22.15
C LYS C 152 -18.28 -45.03 21.84
N TYR C 153 -18.06 -45.35 20.57
CA TYR C 153 -18.27 -46.72 20.10
C TYR C 153 -16.97 -47.45 19.82
N ASN C 154 -15.82 -46.77 19.98
CA ASN C 154 -14.52 -47.42 19.77
C ASN C 154 -14.45 -48.04 18.35
N GLN C 155 -14.80 -47.24 17.35
CA GLN C 155 -14.78 -47.69 15.94
C GLN C 155 -14.16 -46.59 15.09
N TYR C 156 -13.72 -46.98 13.92
CA TYR C 156 -12.97 -46.08 13.01
C TYR C 156 -13.79 -45.77 11.78
N LEU C 157 -13.78 -44.52 11.37
CA LEU C 157 -14.48 -44.11 10.20
C LEU C 157 -13.91 -44.81 8.98
N LYS C 158 -14.77 -45.29 8.09
CA LYS C 158 -14.32 -46.06 6.96
C LYS C 158 -15.30 -46.01 5.79
N MET C 159 -14.83 -46.44 4.63
CA MET C 159 -15.75 -46.88 3.59
C MET C 159 -15.73 -48.43 3.56
N SER C 160 -16.71 -49.01 2.88
CA SER C 160 -16.95 -50.43 2.92
C SER C 160 -15.71 -51.23 2.50
N THR C 161 -15.35 -52.23 3.29
CA THR C 161 -14.25 -53.12 2.94
C THR C 161 -14.73 -54.38 2.16
N THR C 162 -16.02 -54.51 1.93
CA THR C 162 -16.51 -55.59 1.07
C THR C 162 -16.93 -55.13 -0.30
N THR C 163 -17.18 -53.82 -0.50
CA THR C 163 -17.68 -53.36 -1.77
C THR C 163 -16.59 -53.49 -2.85
N CYS C 164 -17.02 -53.46 -4.12
CA CYS C 164 -16.09 -53.49 -5.26
C CYS C 164 -15.14 -52.31 -5.22
N ASN C 165 -13.97 -52.50 -5.80
CA ASN C 165 -13.07 -51.41 -6.08
C ASN C 165 -13.36 -50.88 -7.49
N CYS C 166 -14.47 -50.16 -7.62
CA CYS C 166 -14.94 -49.76 -8.93
C CYS C 166 -15.88 -48.59 -8.76
N ASN C 167 -16.30 -48.03 -9.87
CA ASN C 167 -17.17 -46.85 -9.82
C ASN C 167 -18.52 -47.09 -9.16
N SER C 168 -18.99 -48.35 -9.17
CA SER C 168 -20.31 -48.69 -8.60
C SER C 168 -20.23 -48.98 -7.11
N ARG C 169 -19.11 -48.68 -6.48
CA ARG C 169 -18.95 -48.97 -5.05
C ARG C 169 -20.00 -48.35 -4.16
N ASP C 170 -20.24 -49.00 -3.05
CA ASP C 170 -21.01 -48.42 -1.92
C ASP C 170 -20.29 -47.15 -1.50
N ARG C 171 -21.00 -46.04 -1.46
CA ARG C 171 -20.42 -44.77 -1.00
C ARG C 171 -20.81 -44.34 0.41
N VAL C 172 -21.53 -45.19 1.13
CA VAL C 172 -21.86 -44.89 2.52
C VAL C 172 -20.61 -44.90 3.36
N VAL C 173 -20.54 -43.98 4.32
CA VAL C 173 -19.44 -43.98 5.25
C VAL C 173 -19.93 -44.66 6.55
N TYR C 174 -19.08 -45.55 7.09
CA TYR C 174 -19.38 -46.41 8.21
C TYR C 174 -18.37 -46.20 9.34
N GLY C 175 -18.62 -46.87 10.44
CA GLY C 175 -17.65 -47.09 11.47
C GLY C 175 -17.43 -48.59 11.62
N GLY C 176 -16.16 -48.99 11.74
CA GLY C 176 -15.80 -50.37 11.92
C GLY C 176 -14.75 -50.58 12.97
N ASN C 177 -14.48 -51.85 13.27
CA ASN C 177 -13.60 -52.15 14.41
C ASN C 177 -12.12 -51.94 14.20
N SER C 178 -11.63 -51.92 12.95
CA SER C 178 -10.21 -51.72 12.77
C SER C 178 -9.90 -50.72 11.68
N ALA C 179 -8.62 -50.35 11.58
CA ALA C 179 -8.22 -49.32 10.64
C ALA C 179 -6.95 -49.69 9.88
N ASP C 180 -6.76 -50.99 9.62
CA ASP C 180 -5.57 -51.44 8.89
C ASP C 180 -5.71 -51.34 7.35
N SER C 181 -6.94 -51.23 6.86
CA SER C 181 -7.19 -51.16 5.41
C SER C 181 -7.03 -49.69 4.96
N THR C 182 -6.60 -49.51 3.73
CA THR C 182 -6.58 -48.20 3.11
C THR C 182 -8.00 -47.59 3.04
N ARG C 183 -9.03 -48.44 3.07
CA ARG C 183 -10.40 -47.95 3.08
C ARG C 183 -10.84 -47.41 4.45
N GLU C 184 -10.03 -47.63 5.46
CA GLU C 184 -10.29 -47.24 6.84
C GLU C 184 -9.34 -46.11 7.26
N GLN C 185 -8.76 -45.42 6.28
CA GLN C 185 -7.77 -44.36 6.49
C GLN C 185 -8.07 -43.20 5.55
N TRP C 186 -7.60 -42.02 5.93
CA TRP C 186 -8.01 -40.77 5.34
C TRP C 186 -6.82 -39.83 5.19
N PHE C 187 -6.92 -38.92 4.22
CA PHE C 187 -5.97 -37.82 4.12
C PHE C 187 -6.70 -36.51 4.06
N PHE C 188 -6.00 -35.46 4.48
CA PHE C 188 -6.64 -34.13 4.58
C PHE C 188 -6.03 -33.17 3.62
N GLN C 189 -6.81 -32.16 3.24
CA GLN C 189 -6.31 -31.04 2.45
C GLN C 189 -6.86 -29.78 3.11
N PRO C 190 -5.99 -28.84 3.52
CA PRO C 190 -6.48 -27.64 4.16
C PRO C 190 -6.96 -26.57 3.18
N ALA C 191 -7.80 -25.68 3.70
CA ALA C 191 -8.25 -24.50 2.95
C ALA C 191 -8.60 -23.43 3.97
N LYS C 192 -8.37 -22.18 3.61
CA LYS C 192 -8.76 -21.06 4.47
C LYS C 192 -10.06 -20.55 3.94
N TYR C 193 -11.07 -20.45 4.79
CA TYR C 193 -12.35 -19.87 4.37
C TYR C 193 -12.89 -18.98 5.48
N GLU C 194 -13.14 -17.71 5.13
CA GLU C 194 -13.45 -16.69 6.11
C GLU C 194 -12.31 -16.67 7.14
N ASN C 195 -12.54 -16.80 8.43
CA ASN C 195 -11.39 -16.75 9.34
C ASN C 195 -10.83 -18.09 9.73
N ASP C 196 -11.30 -19.16 9.07
CA ASP C 196 -11.05 -20.49 9.58
C ASP C 196 -10.17 -21.27 8.62
N VAL C 197 -9.31 -22.13 9.17
CA VAL C 197 -8.65 -23.18 8.38
C VAL C 197 -9.47 -24.45 8.53
N LEU C 198 -10.01 -24.90 7.41
CA LEU C 198 -10.92 -26.02 7.36
C LEU C 198 -10.19 -27.13 6.55
N PHE C 199 -10.81 -28.30 6.52
CA PHE C 199 -10.20 -29.47 5.85
C PHE C 199 -11.16 -30.25 5.02
N PHE C 200 -10.73 -30.53 3.80
CA PHE C 200 -11.37 -31.58 3.01
C PHE C 200 -10.77 -32.91 3.49
N ILE C 201 -11.60 -33.92 3.66
CA ILE C 201 -11.22 -35.20 4.24
C ILE C 201 -11.54 -36.26 3.20
N TYR C 202 -10.51 -36.98 2.74
CA TYR C 202 -10.64 -37.91 1.62
C TYR C 202 -10.30 -39.32 2.05
N ASN C 203 -11.02 -40.29 1.51
CA ASN C 203 -10.71 -41.66 1.79
C ASN C 203 -9.40 -42.04 1.10
N ARG C 204 -8.49 -42.68 1.83
CA ARG C 204 -7.21 -43.08 1.22
C ARG C 204 -7.36 -43.95 -0.01
N GLN C 205 -8.16 -45.01 0.09
CA GLN C 205 -8.29 -45.95 -1.02
C GLN C 205 -9.09 -45.36 -2.16
N PHE C 206 -10.25 -44.77 -1.85
CA PHE C 206 -11.19 -44.41 -2.89
C PHE C 206 -11.06 -42.97 -3.38
N ASN C 207 -10.36 -42.15 -2.62
CA ASN C 207 -10.18 -40.72 -2.90
C ASN C 207 -11.46 -39.91 -2.80
N ASP C 208 -12.55 -40.47 -2.30
CA ASP C 208 -13.81 -39.74 -2.25
C ASP C 208 -13.75 -38.81 -1.04
N ALA C 209 -14.28 -37.60 -1.22
CA ALA C 209 -14.36 -36.64 -0.09
C ALA C 209 -15.52 -36.99 0.81
N LEU C 210 -15.27 -36.91 2.12
CA LEU C 210 -16.30 -37.06 3.11
C LEU C 210 -17.30 -35.90 3.04
N GLU C 211 -18.56 -36.24 2.83
CA GLU C 211 -19.63 -35.25 2.55
C GLU C 211 -20.87 -35.61 3.36
N LEU C 212 -21.72 -34.63 3.65
CA LEU C 212 -23.06 -34.88 4.21
C LEU C 212 -24.05 -34.72 3.12
N GLY C 213 -24.87 -35.76 2.97
CA GLY C 213 -25.90 -35.79 1.96
C GLY C 213 -27.25 -35.38 2.49
N THR C 214 -28.28 -36.10 2.06
CA THR C 214 -29.64 -35.75 2.42
C THR C 214 -29.99 -36.04 3.87
N ILE C 215 -31.03 -35.34 4.34
CA ILE C 215 -31.60 -35.57 5.67
C ILE C 215 -32.29 -36.91 5.73
N VAL C 216 -32.07 -37.66 6.80
CA VAL C 216 -32.59 -39.01 6.87
C VAL C 216 -33.58 -39.28 8.00
N ASN C 217 -33.86 -38.29 8.83
CA ASN C 217 -34.79 -38.49 9.94
C ASN C 217 -35.33 -37.21 10.48
N ALA C 218 -36.29 -37.37 11.38
CA ALA C 218 -37.01 -36.25 11.94
C ALA C 218 -36.13 -35.36 12.79
N SER C 219 -35.05 -35.92 13.35
CA SER C 219 -34.08 -35.13 14.11
C SER C 219 -33.18 -34.23 13.24
N GLY C 220 -33.17 -34.48 11.93
CA GLY C 220 -32.42 -33.66 10.97
C GLY C 220 -31.01 -34.18 10.68
N ASP C 221 -30.74 -35.41 11.12
CA ASP C 221 -29.46 -36.07 10.77
C ASP C 221 -29.31 -36.17 9.29
N ARG C 222 -28.07 -36.05 8.80
CA ARG C 222 -27.75 -36.22 7.37
C ARG C 222 -26.80 -37.39 7.21
N LYS C 223 -26.99 -38.17 6.17
CA LYS C 223 -26.09 -39.30 5.90
C LYS C 223 -24.69 -38.80 5.54
N ALA C 224 -23.68 -39.49 6.02
CA ALA C 224 -22.30 -39.24 5.60
C ALA C 224 -21.99 -40.20 4.45
N VAL C 225 -21.50 -39.62 3.34
CA VAL C 225 -21.17 -40.39 2.13
C VAL C 225 -19.85 -39.92 1.52
N GLY C 226 -19.29 -40.75 0.66
CA GLY C 226 -18.13 -40.36 -0.14
C GLY C 226 -18.59 -39.71 -1.43
N HIS C 227 -18.18 -38.48 -1.64
CA HIS C 227 -18.57 -37.70 -2.82
C HIS C 227 -17.83 -38.20 -4.07
N ASP C 228 -18.54 -38.19 -5.19
CA ASP C 228 -17.97 -38.56 -6.46
C ASP C 228 -17.60 -37.27 -7.21
N GLY C 229 -16.32 -36.90 -7.18
CA GLY C 229 -15.83 -35.77 -7.93
C GLY C 229 -15.04 -34.78 -7.11
N GLU C 230 -14.48 -33.83 -7.81
CA GLU C 230 -13.64 -32.79 -7.20
C GLU C 230 -14.43 -31.85 -6.30
N VAL C 231 -13.83 -31.45 -5.16
CA VAL C 231 -14.50 -30.59 -4.17
C VAL C 231 -13.68 -29.39 -3.70
N ALA C 232 -12.41 -29.34 -4.09
CA ALA C 232 -11.46 -28.42 -3.41
C ALA C 232 -11.75 -26.93 -3.67
N GLY C 233 -12.51 -26.64 -4.73
CA GLY C 233 -12.89 -25.27 -5.03
C GLY C 233 -13.97 -24.73 -4.11
N LEU C 234 -14.59 -25.60 -3.32
CA LEU C 234 -15.79 -25.25 -2.59
C LEU C 234 -15.72 -25.62 -1.12
N PRO C 235 -14.84 -24.93 -0.37
CA PRO C 235 -14.74 -25.28 1.04
C PRO C 235 -15.98 -24.96 1.80
N ASP C 236 -16.75 -23.97 1.32
CA ASP C 236 -18.01 -23.63 1.95
C ASP C 236 -19.02 -24.78 1.85
N ILE C 237 -18.84 -25.67 0.88
CA ILE C 237 -19.80 -26.74 0.61
C ILE C 237 -19.33 -28.07 1.19
N TYR C 238 -18.02 -28.35 1.12
CA TYR C 238 -17.55 -29.71 1.40
C TYR C 238 -16.46 -29.88 2.48
N SER C 239 -16.06 -28.81 3.17
CA SER C 239 -15.01 -28.92 4.14
C SER C 239 -15.55 -29.09 5.55
N TRP C 240 -14.62 -29.41 6.45
CA TRP C 240 -14.90 -29.66 7.85
C TRP C 240 -14.08 -28.78 8.79
N PHE C 241 -14.74 -28.34 9.85
CA PHE C 241 -14.09 -27.68 11.01
CA PHE C 241 -14.13 -27.64 10.99
C PHE C 241 -13.63 -28.74 11.95
N ILE C 242 -12.42 -28.56 12.49
CA ILE C 242 -11.91 -29.45 13.52
C ILE C 242 -11.65 -28.56 14.77
N THR C 243 -12.36 -28.86 15.85
CA THR C 243 -12.32 -28.03 17.06
C THR C 243 -12.23 -28.92 18.31
N PRO C 244 -11.75 -28.36 19.43
CA PRO C 244 -11.66 -29.19 20.61
C PRO C 244 -13.05 -29.73 21.04
N PHE C 245 -13.16 -30.95 21.55
CA PHE C 245 -14.43 -31.49 22.05
C PHE C 245 -14.78 -30.97 23.43
N ASP D 8 15.99 61.06 -1.33
CA ASP D 8 17.23 61.60 -1.99
C ASP D 8 17.50 60.94 -3.36
N THR D 9 17.67 59.62 -3.37
CA THR D 9 17.89 58.87 -4.61
C THR D 9 16.81 59.18 -5.64
N SER D 10 17.24 59.47 -6.87
CA SER D 10 16.31 59.85 -7.93
C SER D 10 15.43 58.65 -8.35
N ASN D 11 14.26 58.98 -8.90
CA ASN D 11 13.37 57.95 -9.44
C ASN D 11 14.07 57.12 -10.52
N GLN D 12 14.90 57.75 -11.34
CA GLN D 12 15.59 57.02 -12.40
C GLN D 12 16.60 55.99 -11.85
N ASP D 13 17.34 56.37 -10.81
CA ASP D 13 18.22 55.44 -10.14
C ASP D 13 17.45 54.30 -9.47
N LEU D 14 16.30 54.60 -8.87
CA LEU D 14 15.48 53.57 -8.24
C LEU D 14 14.89 52.61 -9.27
N GLU D 15 14.54 53.15 -10.42
CA GLU D 15 14.10 52.32 -11.53
C GLU D 15 15.19 51.31 -11.92
N GLU D 16 16.42 51.78 -11.96
CA GLU D 16 17.53 50.93 -12.36
C GLU D 16 17.74 49.81 -11.32
N LYS D 17 17.68 50.18 -10.05
CA LYS D 17 17.81 49.23 -8.95
C LYS D 17 16.71 48.18 -9.04
N LEU D 18 15.48 48.60 -9.31
CA LEU D 18 14.35 47.65 -9.37
C LEU D 18 14.50 46.69 -10.56
N TYR D 19 14.81 47.24 -11.73
CA TYR D 19 15.03 46.43 -12.90
C TYR D 19 16.15 45.39 -12.64
N ASN D 20 17.23 45.83 -12.03
CA ASN D 20 18.35 44.91 -11.74
C ASN D 20 17.92 43.75 -10.85
N SER D 21 17.13 44.06 -9.82
CA SER D 21 16.64 43.04 -8.89
C SER D 21 15.80 41.99 -9.59
N ILE D 22 14.97 42.45 -10.52
CA ILE D 22 14.15 41.54 -11.31
C ILE D 22 15.03 40.70 -12.24
N LEU D 23 15.96 41.34 -12.90
CA LEU D 23 16.80 40.64 -13.83
C LEU D 23 17.66 39.54 -13.17
N THR D 24 18.10 39.78 -11.95
CA THR D 24 18.96 38.84 -11.24
C THR D 24 18.16 37.78 -10.49
N GLY D 25 16.84 37.89 -10.52
CA GLY D 25 15.97 36.97 -9.81
C GLY D 25 15.83 37.20 -8.32
N ASP D 26 16.19 38.40 -7.85
CA ASP D 26 15.97 38.75 -6.45
C ASP D 26 14.58 39.33 -6.31
N TYR D 27 13.60 38.45 -6.42
CA TYR D 27 12.22 38.87 -6.43
C TYR D 27 11.74 39.34 -5.06
N ASP D 28 12.31 38.84 -3.98
CA ASP D 28 11.92 39.37 -2.68
C ASP D 28 12.31 40.86 -2.57
N SER D 29 13.50 41.22 -3.05
CA SER D 29 13.92 42.63 -3.04
C SER D 29 13.02 43.45 -3.98
N ALA D 30 12.71 42.92 -5.16
CA ALA D 30 11.85 43.60 -6.10
C ALA D 30 10.49 43.91 -5.51
N VAL D 31 9.92 42.93 -4.81
CA VAL D 31 8.64 43.12 -4.14
C VAL D 31 8.71 44.18 -3.01
N ARG D 32 9.73 44.07 -2.16
CA ARG D 32 9.90 45.02 -1.06
C ARG D 32 10.03 46.46 -1.59
N GLN D 33 10.89 46.62 -2.58
CA GLN D 33 11.07 47.91 -3.21
C GLN D 33 9.77 48.46 -3.75
N SER D 34 9.01 47.60 -4.44
CA SER D 34 7.81 48.01 -5.09
C SER D 34 6.78 48.50 -4.09
N LEU D 35 6.60 47.73 -3.02
CA LEU D 35 5.69 48.13 -1.94
C LEU D 35 6.12 49.48 -1.32
N GLU D 36 7.40 49.66 -1.12
CA GLU D 36 7.93 50.92 -0.59
C GLU D 36 7.65 52.10 -1.54
N TYR D 37 7.96 51.92 -2.84
CA TYR D 37 7.79 53.01 -3.80
C TYR D 37 6.33 53.41 -3.92
N GLU D 38 5.46 52.42 -3.93
CA GLU D 38 4.04 52.69 -4.02
C GLU D 38 3.57 53.46 -2.77
N SER D 39 4.03 53.06 -1.60
CA SER D 39 3.65 53.75 -0.34
C SER D 39 4.14 55.20 -0.29
N GLN D 40 5.22 55.50 -1.01
CA GLN D 40 5.81 56.83 -1.04
C GLN D 40 5.23 57.69 -2.16
N GLY D 41 4.26 57.15 -2.90
CA GLY D 41 3.67 57.87 -4.04
C GLY D 41 4.56 57.90 -5.28
N LYS D 42 5.52 56.98 -5.34
CA LYS D 42 6.47 56.90 -6.46
C LYS D 42 6.21 55.69 -7.33
N GLY D 43 4.94 55.32 -7.46
CA GLY D 43 4.55 54.17 -8.28
C GLY D 43 4.95 54.29 -9.73
N SER D 44 5.15 55.52 -10.23
CA SER D 44 5.66 55.70 -11.60
C SER D 44 6.98 54.94 -11.86
N ILE D 45 7.77 54.71 -10.81
CA ILE D 45 8.96 53.88 -10.95
C ILE D 45 8.58 52.46 -11.44
N ILE D 46 7.53 51.91 -10.84
CA ILE D 46 7.08 50.53 -11.14
C ILE D 46 6.56 50.52 -12.55
N GLN D 47 5.75 51.53 -12.90
CA GLN D 47 5.21 51.58 -14.24
C GLN D 47 6.34 51.59 -15.28
N ASN D 48 7.35 52.41 -15.04
CA ASN D 48 8.47 52.52 -16.00
C ASN D 48 9.28 51.23 -16.11
N VAL D 49 9.48 50.57 -14.98
CA VAL D 49 10.18 49.27 -15.03
C VAL D 49 9.39 48.23 -15.82
N VAL D 50 8.08 48.15 -15.56
CA VAL D 50 7.25 47.18 -16.25
C VAL D 50 7.30 47.46 -17.74
N ASN D 51 7.15 48.73 -18.12
CA ASN D 51 7.21 49.10 -19.52
C ASN D 51 8.51 48.67 -20.17
N ASN D 52 9.62 48.94 -19.49
CA ASN D 52 10.94 48.60 -20.04
C ASN D 52 11.17 47.07 -20.07
N LEU D 53 10.69 46.35 -19.05
CA LEU D 53 10.85 44.87 -19.07
C LEU D 53 10.19 44.29 -20.31
N ILE D 54 9.02 44.83 -20.63
CA ILE D 54 8.23 44.32 -21.73
C ILE D 54 8.84 44.70 -23.07
N ILE D 55 9.27 45.94 -23.21
CA ILE D 55 10.06 46.36 -24.36
C ILE D 55 11.29 45.47 -24.57
N ASP D 56 11.96 45.13 -23.47
CA ASP D 56 13.15 44.29 -23.54
C ASP D 56 12.79 42.78 -23.67
N LYS D 57 11.50 42.47 -23.64
CA LYS D 57 11.02 41.08 -23.77
C LYS D 57 11.67 40.17 -22.71
N ARG D 58 11.72 40.68 -21.48
CA ARG D 58 12.31 39.90 -20.40
C ARG D 58 11.34 38.85 -19.88
N ARG D 59 11.75 37.60 -19.88
CA ARG D 59 10.85 36.59 -19.28
C ARG D 59 10.66 36.79 -17.77
N ASN D 60 11.62 37.39 -17.08
CA ASN D 60 11.48 37.64 -15.64
C ASN D 60 10.35 38.60 -15.25
N THR D 61 9.79 39.32 -16.22
CA THR D 61 8.55 40.04 -16.00
C THR D 61 7.45 39.19 -15.37
N MET D 62 7.36 37.94 -15.81
CA MET D 62 6.35 37.00 -15.30
C MET D 62 6.53 36.71 -13.82
N GLU D 63 7.75 36.42 -13.45
CA GLU D 63 8.09 36.18 -12.05
C GLU D 63 7.79 37.38 -11.18
N TYR D 64 8.14 38.56 -11.67
CA TYR D 64 7.95 39.78 -10.90
C TYR D 64 6.48 39.97 -10.61
N CYS D 65 5.66 39.78 -11.64
CA CYS D 65 4.22 39.89 -11.48
C CYS D 65 3.68 38.87 -10.49
N TYR D 66 4.13 37.63 -10.65
CA TYR D 66 3.70 36.56 -9.75
C TYR D 66 4.06 36.85 -8.30
N LYS D 67 5.28 37.26 -8.06
CA LYS D 67 5.75 37.48 -6.70
C LYS D 67 5.02 38.65 -6.03
N LEU D 68 4.64 39.64 -6.82
CA LEU D 68 3.80 40.75 -6.32
C LEU D 68 2.43 40.20 -5.95
N TRP D 69 1.90 39.37 -6.84
CA TRP D 69 0.58 38.78 -6.67
C TRP D 69 0.45 37.99 -5.36
N VAL D 70 1.47 37.22 -5.01
CA VAL D 70 1.44 36.41 -3.78
C VAL D 70 2.16 37.07 -2.61
N GLY D 71 2.63 38.30 -2.79
CA GLY D 71 3.42 39.00 -1.78
C GLY D 71 2.80 40.32 -1.35
N ASN D 72 1.48 40.34 -1.31
CA ASN D 72 0.72 41.54 -0.88
C ASN D 72 0.82 42.72 -1.85
N GLY D 73 1.10 42.44 -3.12
CA GLY D 73 1.20 43.44 -4.16
C GLY D 73 0.15 43.38 -5.23
N GLN D 74 -1.04 42.90 -4.86
CA GLN D 74 -2.11 42.76 -5.84
C GLN D 74 -2.55 44.12 -6.43
N GLU D 75 -2.53 45.17 -5.61
CA GLU D 75 -2.90 46.52 -6.06
C GLU D 75 -1.91 47.07 -7.06
N ILE D 76 -0.63 46.79 -6.82
CA ILE D 76 0.41 47.16 -7.77
C ILE D 76 0.25 46.43 -9.13
N VAL D 77 -0.11 45.16 -9.08
CA VAL D 77 -0.38 44.45 -10.34
C VAL D 77 -1.55 45.08 -11.09
N ARG D 78 -2.63 45.37 -10.34
CA ARG D 78 -3.82 46.00 -10.96
CA ARG D 78 -3.84 45.98 -10.93
C ARG D 78 -3.48 47.31 -11.60
N LYS D 79 -2.68 48.12 -10.90
CA LYS D 79 -2.38 49.47 -11.37
C LYS D 79 -1.36 49.58 -12.51
N TYR D 80 -0.34 48.72 -12.52
CA TYR D 80 0.83 48.95 -13.40
C TYR D 80 1.11 47.90 -14.45
N PHE D 81 0.40 46.78 -14.40
CA PHE D 81 0.54 45.76 -15.45
C PHE D 81 -0.72 45.67 -16.28
N PRO D 82 -0.58 45.29 -17.56
CA PRO D 82 -1.76 45.10 -18.38
C PRO D 82 -2.71 44.06 -17.76
N LEU D 83 -3.97 44.14 -18.14
CA LEU D 83 -5.01 43.25 -17.64
C LEU D 83 -4.67 41.74 -17.76
N ASN D 84 -4.08 41.35 -18.88
CA ASN D 84 -3.77 39.95 -19.10
C ASN D 84 -2.81 39.31 -18.07
N PHE D 85 -1.90 40.08 -17.49
CA PHE D 85 -1.12 39.61 -16.40
C PHE D 85 -1.96 39.21 -15.20
N ARG D 86 -2.94 40.01 -14.88
CA ARG D 86 -3.82 39.71 -13.81
C ARG D 86 -4.63 38.43 -14.08
N LEU D 87 -5.09 38.28 -15.33
CA LEU D 87 -5.84 37.10 -15.72
C LEU D 87 -5.03 35.84 -15.51
N ILE D 88 -3.76 35.94 -15.88
CA ILE D 88 -2.83 34.81 -15.75
C ILE D 88 -2.60 34.47 -14.26
N MET D 89 -2.20 35.46 -13.47
CA MET D 89 -1.89 35.22 -12.05
C MET D 89 -3.10 34.87 -11.17
N ALA D 90 -4.26 35.42 -11.48
CA ALA D 90 -5.48 35.19 -10.67
C ALA D 90 -6.19 33.88 -11.01
N GLY D 91 -5.81 33.26 -12.13
CA GLY D 91 -6.43 32.02 -12.54
C GLY D 91 -7.81 32.16 -13.15
N ASN D 92 -8.07 33.32 -13.75
CA ASN D 92 -9.33 33.55 -14.46
C ASN D 92 -9.44 32.79 -15.77
N TYR D 93 -10.67 32.60 -16.22
CA TYR D 93 -10.90 31.97 -17.52
C TYR D 93 -10.47 32.91 -18.64
N VAL D 94 -9.75 32.36 -19.60
CA VAL D 94 -9.19 33.14 -20.71
C VAL D 94 -9.34 32.44 -22.04
N LYS D 95 -9.14 33.20 -23.11
CA LYS D 95 -8.89 32.66 -24.43
C LYS D 95 -7.48 32.95 -24.79
N ILE D 96 -6.91 32.07 -25.61
CA ILE D 96 -5.52 32.13 -26.00
C ILE D 96 -5.51 32.14 -27.50
N ILE D 97 -5.20 33.31 -28.07
CA ILE D 97 -5.42 33.56 -29.48
C ILE D 97 -4.11 33.88 -30.15
N TYR D 98 -3.79 33.17 -31.22
CA TYR D 98 -2.55 33.38 -31.92
C TYR D 98 -2.56 34.68 -32.72
N ARG D 99 -1.53 35.49 -32.55
CA ARG D 99 -1.50 36.83 -33.21
C ARG D 99 -1.54 36.70 -34.71
N ASN D 100 -0.69 35.86 -35.24
CA ASN D 100 -0.47 35.82 -36.68
C ASN D 100 -1.74 35.47 -37.46
N TYR D 101 -2.55 34.55 -36.95
CA TYR D 101 -3.72 34.06 -37.69
C TYR D 101 -5.03 34.36 -36.99
N ASN D 102 -4.95 34.95 -35.81
CA ASN D 102 -6.13 35.25 -35.02
C ASN D 102 -7.04 34.05 -34.78
N LEU D 103 -6.44 32.92 -34.36
CA LEU D 103 -7.18 31.68 -34.07
C LEU D 103 -7.01 31.30 -32.62
N ALA D 104 -8.12 30.90 -31.99
CA ALA D 104 -8.12 30.57 -30.57
C ALA D 104 -7.70 29.13 -30.37
N LEU D 105 -6.88 28.92 -29.35
CA LEU D 105 -6.44 27.56 -29.01
C LEU D 105 -7.61 26.72 -28.48
N LYS D 106 -7.63 25.46 -28.89
CA LYS D 106 -8.56 24.47 -28.36
C LYS D 106 -7.89 23.09 -28.34
N LEU D 107 -8.58 22.12 -27.76
CA LEU D 107 -8.26 20.69 -27.97
C LEU D 107 -9.29 20.07 -28.88
N GLY D 108 -8.86 19.07 -29.65
CA GLY D 108 -9.76 18.29 -30.53
C GLY D 108 -10.69 17.34 -29.78
N SER D 109 -11.66 16.76 -30.48
CA SER D 109 -12.74 15.99 -29.86
C SER D 109 -12.42 14.51 -29.74
N THR D 110 -11.37 14.05 -30.42
CA THR D 110 -11.01 12.64 -30.40
C THR D 110 -9.80 12.44 -29.50
N THR D 111 -9.72 11.28 -28.85
CA THR D 111 -8.58 10.95 -28.03
C THR D 111 -7.82 9.83 -28.72
N ASN D 112 -6.51 9.78 -28.49
CA ASN D 112 -5.68 8.71 -29.01
C ASN D 112 -5.59 7.57 -27.98
N PRO D 113 -4.82 6.50 -28.29
CA PRO D 113 -4.80 5.39 -27.32
C PRO D 113 -4.21 5.75 -25.94
N SER D 114 -3.45 6.86 -25.86
CA SER D 114 -2.94 7.36 -24.58
C SER D 114 -3.96 8.23 -23.85
N ASN D 115 -5.16 8.32 -24.39
CA ASN D 115 -6.22 9.16 -23.85
C ASN D 115 -5.90 10.66 -23.95
N GLU D 116 -5.14 11.01 -24.97
CA GLU D 116 -4.72 12.41 -25.15
C GLU D 116 -5.36 12.97 -26.40
N ARG D 117 -5.64 14.28 -26.31
CA ARG D 117 -6.21 15.04 -27.43
C ARG D 117 -5.12 15.81 -28.12
N ILE D 118 -5.38 16.16 -29.37
CA ILE D 118 -4.49 17.02 -30.12
C ILE D 118 -4.94 18.47 -29.99
N ALA D 119 -3.97 19.38 -29.83
CA ALA D 119 -4.27 20.79 -29.75
C ALA D 119 -4.32 21.43 -31.13
N TYR D 120 -5.21 22.44 -31.29
CA TYR D 120 -5.35 23.17 -32.55
C TYR D 120 -5.69 24.61 -32.29
N GLY D 121 -5.50 25.45 -33.31
CA GLY D 121 -6.13 26.76 -33.37
C GLY D 121 -7.42 26.56 -34.15
N ASP D 122 -8.55 26.94 -33.56
CA ASP D 122 -9.83 26.74 -34.22
C ASP D 122 -9.99 27.74 -35.35
N GLY D 123 -10.43 27.25 -36.51
CA GLY D 123 -10.56 28.11 -37.68
C GLY D 123 -11.56 29.24 -37.56
N VAL D 124 -12.52 29.11 -36.63
CA VAL D 124 -13.64 30.04 -36.52
C VAL D 124 -13.97 30.52 -35.11
N ASP D 125 -14.03 29.59 -34.16
CA ASP D 125 -14.63 29.82 -32.83
C ASP D 125 -13.76 30.69 -31.93
N LYS D 126 -14.36 31.78 -31.45
CA LYS D 126 -13.71 32.68 -30.50
C LYS D 126 -14.55 32.90 -29.24
N HIS D 127 -15.56 32.09 -29.00
CA HIS D 127 -16.44 32.39 -27.86
C HIS D 127 -17.05 31.22 -27.12
N THR D 128 -17.18 30.04 -27.71
CA THR D 128 -17.83 28.94 -26.98
C THR D 128 -16.87 28.36 -25.96
N GLU D 129 -17.42 27.53 -25.08
CA GLU D 129 -16.65 26.82 -24.06
C GLU D 129 -15.45 26.04 -24.60
N LEU D 130 -15.49 25.71 -25.88
CA LEU D 130 -14.41 25.04 -26.56
C LEU D 130 -13.04 25.75 -26.45
N VAL D 131 -13.07 27.07 -26.30
CA VAL D 131 -11.81 27.83 -26.33
C VAL D 131 -11.49 28.47 -24.98
N SER D 132 -12.15 28.00 -23.91
CA SER D 132 -11.88 28.45 -22.54
C SER D 132 -10.71 27.66 -21.89
N TRP D 133 -9.80 28.41 -21.29
CA TRP D 133 -8.65 27.89 -20.56
C TRP D 133 -8.48 28.67 -19.25
N LYS D 134 -7.66 28.13 -18.36
CA LYS D 134 -7.17 28.88 -17.23
C LYS D 134 -5.75 28.44 -16.94
N PHE D 135 -5.02 29.30 -16.26
CA PHE D 135 -3.64 29.02 -15.91
C PHE D 135 -3.53 28.69 -14.44
N ILE D 136 -2.70 27.71 -14.15
CA ILE D 136 -2.36 27.37 -12.80
C ILE D 136 -0.85 27.62 -12.69
N THR D 137 -0.45 28.39 -11.69
CA THR D 137 0.94 28.72 -11.52
C THR D 137 1.67 27.68 -10.68
N LEU D 138 2.97 27.55 -10.94
CA LEU D 138 3.84 26.69 -10.22
C LEU D 138 5.13 27.47 -10.01
N TRP D 139 5.58 27.60 -8.78
CA TRP D 139 6.85 28.28 -8.48
C TRP D 139 7.94 27.23 -8.17
N GLU D 140 9.00 27.16 -8.98
CA GLU D 140 10.11 26.17 -8.82
C GLU D 140 11.33 26.67 -9.46
N ASN D 141 12.47 26.42 -8.84
CA ASN D 141 13.76 26.83 -9.42
C ASN D 141 13.80 28.37 -9.66
N ASN D 142 13.24 29.13 -8.70
CA ASN D 142 13.16 30.59 -8.74
C ASN D 142 12.50 31.12 -10.01
N ARG D 143 11.57 30.35 -10.53
CA ARG D 143 10.84 30.66 -11.74
C ARG D 143 9.37 30.34 -11.63
N VAL D 144 8.55 31.00 -12.45
CA VAL D 144 7.13 30.71 -12.50
C VAL D 144 6.81 30.00 -13.79
N TYR D 145 6.15 28.86 -13.65
CA TYR D 145 5.72 28.11 -14.78
C TYR D 145 4.20 28.02 -14.71
N PHE D 146 3.63 27.65 -15.85
CA PHE D 146 2.19 27.58 -15.99
C PHE D 146 1.73 26.21 -16.49
N LYS D 147 0.68 25.72 -15.83
CA LYS D 147 -0.12 24.60 -16.33
C LYS D 147 -1.28 25.25 -17.04
N ILE D 148 -1.49 24.83 -18.27
CA ILE D 148 -2.46 25.47 -19.15
C ILE D 148 -3.64 24.49 -19.25
N HIS D 149 -4.70 24.81 -18.52
CA HIS D 149 -5.79 23.89 -18.31
C HIS D 149 -6.96 24.22 -19.22
N ASN D 150 -7.41 23.20 -19.93
CA ASN D 150 -8.55 23.30 -20.82
C ASN D 150 -9.86 23.05 -20.07
N THR D 151 -10.79 24.01 -20.14
CA THR D 151 -12.01 23.95 -19.36
C THR D 151 -12.96 22.85 -19.83
N LYS D 152 -13.12 22.72 -21.14
CA LYS D 152 -14.10 21.79 -21.67
C LYS D 152 -13.75 20.34 -21.31
N TYR D 153 -12.47 19.99 -21.52
CA TYR D 153 -12.06 18.58 -21.45
C TYR D 153 -11.26 18.23 -20.19
N ASN D 154 -11.01 19.22 -19.33
CA ASN D 154 -10.32 18.99 -18.07
C ASN D 154 -8.96 18.30 -18.34
N GLN D 155 -8.20 18.89 -19.26
CA GLN D 155 -6.89 18.39 -19.63
C GLN D 155 -5.92 19.53 -19.70
N TYR D 156 -4.64 19.21 -19.67
CA TYR D 156 -3.56 20.20 -19.67
C TYR D 156 -2.75 20.13 -20.96
N LEU D 157 -2.41 21.30 -21.48
CA LEU D 157 -1.60 21.40 -22.67
C LEU D 157 -0.23 20.81 -22.39
N LYS D 158 0.29 20.05 -23.35
CA LYS D 158 1.56 19.39 -23.14
C LYS D 158 2.24 19.00 -24.44
N MET D 159 3.51 18.64 -24.34
CA MET D 159 4.17 17.90 -25.38
C MET D 159 4.35 16.43 -24.90
N SER D 160 4.63 15.55 -25.85
CA SER D 160 4.57 14.08 -25.61
C SER D 160 5.49 13.67 -24.47
N THR D 161 4.94 12.93 -23.52
CA THR D 161 5.73 12.41 -22.43
C THR D 161 6.35 11.05 -22.75
N THR D 162 6.05 10.49 -23.93
CA THR D 162 6.73 9.25 -24.36
C THR D 162 7.79 9.45 -25.41
N THR D 163 7.80 10.58 -26.09
CA THR D 163 8.79 10.79 -27.13
C THR D 163 10.21 10.95 -26.56
N CYS D 164 11.21 10.75 -27.42
CA CYS D 164 12.65 10.87 -27.08
C CYS D 164 12.95 12.29 -26.61
N ASN D 165 13.95 12.41 -25.76
CA ASN D 165 14.48 13.71 -25.41
C ASN D 165 15.61 14.01 -26.37
N CYS D 166 15.26 14.31 -27.61
CA CYS D 166 16.25 14.41 -28.67
C CYS D 166 15.67 15.22 -29.80
N ASN D 167 16.49 15.52 -30.79
CA ASN D 167 16.07 16.44 -31.86
C ASN D 167 14.93 15.89 -32.73
N SER D 168 14.79 14.58 -32.77
CA SER D 168 13.74 13.94 -33.55
C SER D 168 12.44 13.77 -32.81
N ARG D 169 12.31 14.40 -31.65
CA ARG D 169 11.10 14.28 -30.87
C ARG D 169 9.82 14.62 -31.65
N ASP D 170 8.73 13.98 -31.25
CA ASP D 170 7.39 14.41 -31.61
C ASP D 170 7.19 15.88 -31.19
N ARG D 171 6.82 16.75 -32.16
CA ARG D 171 6.57 18.16 -31.87
C ARG D 171 5.11 18.55 -31.77
N VAL D 172 4.23 17.58 -31.88
CA VAL D 172 2.81 17.86 -31.76
C VAL D 172 2.48 18.28 -30.34
N VAL D 173 1.56 19.21 -30.20
CA VAL D 173 1.11 19.65 -28.87
C VAL D 173 -0.23 18.98 -28.60
N TYR D 174 -0.37 18.46 -27.38
CA TYR D 174 -1.47 17.61 -26.98
C TYR D 174 -2.13 18.17 -25.75
N GLY D 175 -3.21 17.51 -25.35
CA GLY D 175 -3.82 17.71 -24.04
C GLY D 175 -3.82 16.37 -23.29
N GLY D 176 -3.43 16.39 -22.01
CA GLY D 176 -3.35 15.19 -21.21
C GLY D 176 -3.92 15.41 -19.83
N ASN D 177 -4.05 14.33 -19.07
CA ASN D 177 -4.82 14.40 -17.83
C ASN D 177 -4.08 15.04 -16.69
N SER D 178 -2.76 15.08 -16.74
CA SER D 178 -2.02 15.66 -15.61
C SER D 178 -0.91 16.58 -16.07
N ALA D 179 -0.32 17.28 -15.11
CA ALA D 179 0.63 18.33 -15.45
C ALA D 179 1.84 18.32 -14.52
N ASP D 180 2.20 17.14 -14.02
CA ASP D 180 3.35 17.02 -13.11
C ASP D 180 4.70 16.98 -13.83
N SER D 181 4.70 16.66 -15.11
CA SER D 181 5.94 16.58 -15.87
C SER D 181 6.35 17.95 -16.37
N THR D 182 7.67 18.16 -16.46
CA THR D 182 8.17 19.36 -17.11
C THR D 182 7.65 19.50 -18.56
N ARG D 183 7.27 18.40 -19.18
CA ARG D 183 6.77 18.44 -20.55
C ARG D 183 5.32 18.91 -20.61
N GLU D 184 4.68 19.00 -19.44
CA GLU D 184 3.28 19.42 -19.30
C GLU D 184 3.19 20.83 -18.67
N GLN D 185 4.31 21.58 -18.72
CA GLN D 185 4.42 22.89 -18.12
C GLN D 185 5.10 23.85 -19.09
N TRP D 186 4.87 25.14 -18.89
CA TRP D 186 5.18 26.14 -19.88
C TRP D 186 5.70 27.40 -19.20
N PHE D 187 6.51 28.16 -19.91
CA PHE D 187 6.88 29.48 -19.43
C PHE D 187 6.63 30.52 -20.53
N PHE D 188 6.41 31.77 -20.09
CA PHE D 188 6.03 32.85 -20.99
C PHE D 188 7.10 33.89 -21.07
N GLN D 189 7.14 34.58 -22.23
CA GLN D 189 7.97 35.74 -22.41
C GLN D 189 7.10 36.83 -23.07
N PRO D 190 6.98 37.98 -22.42
CA PRO D 190 6.11 39.03 -22.99
C PRO D 190 6.79 39.80 -24.11
N ALA D 191 5.97 40.47 -24.92
CA ALA D 191 6.47 41.38 -25.92
C ALA D 191 5.35 42.37 -26.23
N LYS D 192 5.72 43.58 -26.64
CA LYS D 192 4.75 44.61 -27.00
C LYS D 192 4.80 44.66 -28.52
N TYR D 193 3.63 44.51 -29.17
CA TYR D 193 3.56 44.63 -30.62
C TYR D 193 2.24 45.33 -31.05
N GLU D 194 2.34 46.42 -31.83
CA GLU D 194 1.14 47.20 -32.22
C GLU D 194 0.17 47.52 -31.11
N ASN D 195 0.70 48.01 -30.01
CA ASN D 195 -0.08 48.46 -28.88
C ASN D 195 -0.70 47.38 -28.05
N ASP D 196 -0.35 46.12 -28.31
CA ASP D 196 -0.80 45.00 -27.49
C ASP D 196 0.39 44.36 -26.77
N VAL D 197 0.17 43.82 -25.56
CA VAL D 197 1.16 42.99 -24.92
C VAL D 197 0.76 41.55 -25.20
N LEU D 198 1.69 40.83 -25.85
CA LEU D 198 1.50 39.48 -26.29
C LEU D 198 2.54 38.59 -25.61
N PHE D 199 2.40 37.29 -25.78
CA PHE D 199 3.31 36.32 -25.12
C PHE D 199 3.80 35.26 -26.06
N PHE D 200 5.11 35.03 -26.03
CA PHE D 200 5.66 33.75 -26.49
C PHE D 200 5.51 32.70 -25.39
N ILE D 201 5.06 31.51 -25.79
CA ILE D 201 4.75 30.44 -24.82
C ILE D 201 5.69 29.26 -25.17
N TYR D 202 6.51 28.87 -24.21
CA TYR D 202 7.57 27.86 -24.45
C TYR D 202 7.36 26.66 -23.54
N ASN D 203 7.63 25.48 -24.08
CA ASN D 203 7.53 24.27 -23.27
C ASN D 203 8.69 24.23 -22.26
N ARG D 204 8.40 23.98 -20.99
CA ARG D 204 9.44 23.92 -19.95
C ARG D 204 10.55 22.94 -20.25
N GLN D 205 10.22 21.71 -20.61
CA GLN D 205 11.28 20.72 -20.88
C GLN D 205 12.00 20.96 -22.17
N PHE D 206 11.25 21.15 -23.25
CA PHE D 206 11.85 21.14 -24.58
C PHE D 206 12.32 22.50 -25.08
N ASN D 207 11.83 23.56 -24.43
CA ASN D 207 12.05 24.93 -24.84
C ASN D 207 11.44 25.34 -26.19
N ASP D 208 10.56 24.53 -26.76
CA ASP D 208 9.98 24.84 -28.07
C ASP D 208 8.86 25.83 -27.87
N ALA D 209 8.77 26.82 -28.76
CA ALA D 209 7.67 27.78 -28.70
C ALA D 209 6.39 27.15 -29.26
N LEU D 210 5.28 27.38 -28.58
CA LEU D 210 3.96 27.00 -29.07
C LEU D 210 3.62 27.83 -30.33
N GLU D 211 3.33 27.13 -31.41
CA GLU D 211 3.12 27.70 -32.75
C GLU D 211 1.88 27.06 -33.39
N LEU D 212 1.24 27.77 -34.31
CA LEU D 212 0.22 27.18 -35.20
C LEU D 212 0.84 26.93 -36.56
N GLY D 213 0.76 25.67 -36.99
CA GLY D 213 1.34 25.23 -38.24
C GLY D 213 0.28 25.24 -39.35
N THR D 214 0.32 24.21 -40.18
CA THR D 214 -0.54 24.15 -41.36
C THR D 214 -2.01 23.89 -41.03
N ILE D 215 -2.85 24.30 -41.97
CA ILE D 215 -4.29 24.06 -41.89
C ILE D 215 -4.56 22.58 -42.08
N VAL D 216 -5.47 22.03 -41.28
CA VAL D 216 -5.74 20.57 -41.31
C VAL D 216 -7.20 20.19 -41.64
N ASN D 217 -8.07 21.19 -41.80
CA ASN D 217 -9.51 21.10 -41.71
C ASN D 217 -10.14 22.00 -42.78
N ALA D 218 -11.28 21.65 -43.38
CA ALA D 218 -12.04 22.58 -44.21
C ALA D 218 -12.49 23.79 -43.37
N SER D 219 -12.64 23.59 -42.07
CA SER D 219 -13.02 24.67 -41.14
C SER D 219 -11.89 25.68 -40.91
N GLY D 220 -10.68 25.30 -41.32
CA GLY D 220 -9.53 26.18 -41.23
C GLY D 220 -8.74 26.01 -39.94
N ASP D 221 -8.99 24.92 -39.21
CA ASP D 221 -8.21 24.64 -38.00
C ASP D 221 -6.74 24.49 -38.39
N ARG D 222 -5.84 24.93 -37.50
CA ARG D 222 -4.41 24.73 -37.71
C ARG D 222 -3.83 23.89 -36.57
N LYS D 223 -2.87 23.03 -36.90
CA LYS D 223 -2.27 22.17 -35.88
C LYS D 223 -1.43 23.03 -34.95
N ALA D 224 -1.46 22.72 -33.66
CA ALA D 224 -0.53 23.33 -32.71
C ALA D 224 0.69 22.42 -32.57
N VAL D 225 1.88 23.02 -32.72
CA VAL D 225 3.15 22.31 -32.68
C VAL D 225 4.21 23.12 -31.92
N GLY D 226 5.28 22.44 -31.51
CA GLY D 226 6.43 23.10 -30.90
C GLY D 226 7.43 23.49 -31.98
N HIS D 227 7.72 24.78 -32.05
CA HIS D 227 8.63 25.28 -33.06
C HIS D 227 10.07 24.90 -32.75
N ASP D 228 10.85 24.66 -33.80
CA ASP D 228 12.27 24.41 -33.68
C ASP D 228 13.03 25.71 -34.00
N GLY D 229 13.51 26.41 -32.96
CA GLY D 229 14.36 27.59 -33.13
C GLY D 229 13.87 28.82 -32.40
N GLU D 230 14.70 29.85 -32.44
CA GLU D 230 14.43 31.15 -31.79
C GLU D 230 13.25 31.85 -32.44
N VAL D 231 12.40 32.46 -31.64
CA VAL D 231 11.21 33.16 -32.12
C VAL D 231 11.05 34.60 -31.60
N ALA D 232 11.86 35.02 -30.61
CA ALA D 232 11.55 36.22 -29.82
C ALA D 232 11.63 37.52 -30.63
N GLY D 233 12.35 37.49 -31.74
CA GLY D 233 12.39 38.62 -32.65
C GLY D 233 11.13 38.84 -33.48
N LEU D 234 10.22 37.86 -33.50
CA LEU D 234 9.06 37.88 -34.40
C LEU D 234 7.73 37.69 -33.64
N PRO D 235 7.35 38.69 -32.81
CA PRO D 235 6.04 38.55 -32.13
C PRO D 235 4.86 38.54 -33.09
N ASP D 236 5.03 39.17 -34.24
CA ASP D 236 4.01 39.15 -35.30
C ASP D 236 3.72 37.76 -35.86
N ILE D 237 4.72 36.87 -35.75
CA ILE D 237 4.59 35.54 -36.29
C ILE D 237 4.20 34.51 -35.21
N TYR D 238 4.79 34.65 -34.01
CA TYR D 238 4.78 33.52 -33.06
C TYR D 238 4.21 33.77 -31.68
N SER D 239 3.62 34.93 -31.44
CA SER D 239 3.08 35.23 -30.10
C SER D 239 1.60 35.01 -29.99
N TRP D 240 1.11 35.11 -28.75
CA TRP D 240 -0.27 34.84 -28.41
C TRP D 240 -0.88 35.98 -27.60
N PHE D 241 -2.14 36.28 -27.89
CA PHE D 241 -2.96 37.15 -27.06
C PHE D 241 -3.57 36.35 -25.96
N ILE D 242 -3.68 36.92 -24.79
CA ILE D 242 -4.42 36.32 -23.69
CA ILE D 242 -4.43 36.33 -23.69
C ILE D 242 -5.49 37.31 -23.26
N THR D 243 -6.75 36.91 -23.39
CA THR D 243 -7.91 37.79 -23.15
C THR D 243 -8.97 37.10 -22.28
N PRO D 244 -9.88 37.87 -21.66
CA PRO D 244 -10.88 37.22 -20.82
C PRO D 244 -11.77 36.36 -21.63
N PHE D 245 -12.16 35.23 -21.05
CA PHE D 245 -13.12 34.38 -21.72
C PHE D 245 -14.52 35.01 -21.66
N ALA E 7 -40.38 31.55 6.62
CA ALA E 7 -40.85 32.88 6.09
C ALA E 7 -41.21 33.89 7.19
N ASP E 8 -41.86 33.43 8.27
CA ASP E 8 -42.34 34.33 9.32
C ASP E 8 -41.73 33.96 10.70
N THR E 9 -42.01 32.78 11.25
CA THR E 9 -41.49 32.37 12.58
C THR E 9 -39.98 32.46 12.65
N SER E 10 -39.46 33.13 13.68
CA SER E 10 -38.04 33.34 13.82
C SER E 10 -37.30 32.05 14.09
N ASN E 11 -36.02 32.05 13.76
CA ASN E 11 -35.18 30.89 14.04
C ASN E 11 -35.16 30.60 15.54
N GLN E 12 -35.18 31.63 16.38
CA GLN E 12 -35.17 31.45 17.83
C GLN E 12 -36.44 30.74 18.33
N ASP E 13 -37.59 31.16 17.82
CA ASP E 13 -38.83 30.51 18.14
C ASP E 13 -38.88 29.04 17.64
N LEU E 14 -38.35 28.78 16.44
CA LEU E 14 -38.26 27.42 15.94
C LEU E 14 -37.31 26.56 16.76
N GLU E 15 -36.24 27.16 17.22
CA GLU E 15 -35.35 26.46 18.13
C GLU E 15 -36.10 26.03 19.42
N GLU E 16 -36.91 26.93 19.96
CA GLU E 16 -37.68 26.63 21.16
C GLU E 16 -38.65 25.46 20.93
N LYS E 17 -39.31 25.47 19.78
CA LYS E 17 -40.23 24.44 19.38
C LYS E 17 -39.51 23.09 19.26
N LEU E 18 -38.34 23.10 18.61
CA LEU E 18 -37.57 21.89 18.43
C LEU E 18 -37.10 21.32 19.76
N TYR E 19 -36.56 22.19 20.60
CA TYR E 19 -36.14 21.77 21.93
C TYR E 19 -37.31 21.16 22.71
N ASN E 20 -38.46 21.85 22.72
CA ASN E 20 -39.63 21.33 23.41
C ASN E 20 -40.02 19.91 22.92
N SER E 21 -39.99 19.69 21.62
CA SER E 21 -40.32 18.38 21.05
C SER E 21 -39.37 17.32 21.58
N ILE E 22 -38.08 17.63 21.59
CA ILE E 22 -37.07 16.69 22.09
C ILE E 22 -37.28 16.41 23.59
N LEU E 23 -37.47 17.47 24.36
CA LEU E 23 -37.66 17.32 25.79
C LEU E 23 -38.86 16.43 26.14
N THR E 24 -39.91 16.48 25.34
CA THR E 24 -41.10 15.74 25.65
C THR E 24 -41.06 14.35 25.07
N GLY E 25 -40.07 14.07 24.25
CA GLY E 25 -39.93 12.76 23.64
C GLY E 25 -40.71 12.59 22.37
N ASP E 26 -41.12 13.70 21.75
CA ASP E 26 -41.81 13.64 20.45
C ASP E 26 -40.78 13.65 19.37
N TYR E 27 -40.05 12.53 19.28
CA TYR E 27 -38.89 12.46 18.38
C TYR E 27 -39.30 12.44 16.93
N ASP E 28 -40.48 11.93 16.62
CA ASP E 28 -40.92 11.99 15.23
C ASP E 28 -41.14 13.44 14.76
N SER E 29 -41.74 14.28 15.60
CA SER E 29 -41.83 15.72 15.30
C SER E 29 -40.44 16.38 15.24
N ALA E 30 -39.56 16.05 16.18
CA ALA E 30 -38.21 16.59 16.15
C ALA E 30 -37.45 16.27 14.86
N VAL E 31 -37.57 15.02 14.40
CA VAL E 31 -36.89 14.61 13.19
C VAL E 31 -37.51 15.34 11.97
N ARG E 32 -38.82 15.39 11.89
CA ARG E 32 -39.50 16.03 10.77
C ARG E 32 -39.09 17.50 10.69
N GLN E 33 -39.18 18.18 11.82
CA GLN E 33 -38.73 19.57 11.93
C GLN E 33 -37.30 19.71 11.43
N SER E 34 -36.41 18.83 11.90
CA SER E 34 -35.00 18.94 11.60
C SER E 34 -34.72 18.81 10.10
N LEU E 35 -35.32 17.79 9.49
CA LEU E 35 -35.20 17.60 8.05
C LEU E 35 -35.74 18.82 7.28
N GLU E 36 -36.87 19.36 7.73
CA GLU E 36 -37.45 20.55 7.12
C GLU E 36 -36.51 21.76 7.26
N TYR E 37 -35.99 22.01 8.45
CA TYR E 37 -35.12 23.20 8.66
C TYR E 37 -33.87 23.09 7.81
N GLU E 38 -33.29 21.90 7.76
CA GLU E 38 -32.07 21.69 6.99
C GLU E 38 -32.34 21.93 5.51
N SER E 39 -33.47 21.43 5.00
CA SER E 39 -33.87 21.66 3.60
C SER E 39 -34.12 23.13 3.28
N GLN E 40 -34.50 23.94 4.27
CA GLN E 40 -34.77 25.36 4.08
C GLN E 40 -33.52 26.22 4.27
N GLY E 41 -32.38 25.60 4.53
CA GLY E 41 -31.16 26.35 4.81
C GLY E 41 -31.12 26.98 6.18
N LYS E 42 -31.94 26.45 7.10
CA LYS E 42 -31.99 26.92 8.47
C LYS E 42 -31.42 25.89 9.45
N GLY E 43 -30.41 25.14 9.02
CA GLY E 43 -29.75 24.15 9.88
C GLY E 43 -29.17 24.72 11.16
N SER E 44 -28.85 26.02 11.14
CA SER E 44 -28.34 26.65 12.37
C SER E 44 -29.31 26.44 13.55
N ILE E 45 -30.60 26.26 13.26
CA ILE E 45 -31.60 25.96 14.32
C ILE E 45 -31.19 24.65 15.02
N ILE E 46 -30.75 23.68 14.22
CA ILE E 46 -30.38 22.36 14.76
C ILE E 46 -29.11 22.49 15.56
N GLN E 47 -28.13 23.21 15.01
CA GLN E 47 -26.90 23.42 15.73
C GLN E 47 -27.17 24.05 17.09
N ASN E 48 -28.03 25.06 17.10
CA ASN E 48 -28.39 25.80 18.30
CA ASN E 48 -28.28 25.78 18.33
C ASN E 48 -29.04 24.89 19.36
N VAL E 49 -29.98 24.08 18.90
CA VAL E 49 -30.67 23.13 19.82
C VAL E 49 -29.72 22.10 20.40
N VAL E 50 -28.84 21.56 19.56
CA VAL E 50 -27.83 20.61 20.03
C VAL E 50 -26.93 21.25 21.07
N ASN E 51 -26.47 22.47 20.79
CA ASN E 51 -25.62 23.16 21.73
C ASN E 51 -26.31 23.34 23.08
N ASN E 52 -27.57 23.76 23.04
CA ASN E 52 -28.32 24.01 24.28
C ASN E 52 -28.70 22.73 25.02
N LEU E 53 -29.02 21.69 24.27
CA LEU E 53 -29.25 20.34 24.90
C LEU E 53 -28.05 19.85 25.71
N ILE E 54 -26.85 20.04 25.13
CA ILE E 54 -25.61 19.60 25.78
C ILE E 54 -25.28 20.46 26.97
N ILE E 55 -25.42 21.78 26.83
CA ILE E 55 -25.25 22.68 27.97
C ILE E 55 -26.16 22.28 29.10
N ASP E 56 -27.39 21.88 28.75
CA ASP E 56 -28.39 21.47 29.77
C ASP E 56 -28.22 20.00 30.23
N LYS E 57 -27.26 19.32 29.62
CA LYS E 57 -26.91 17.92 29.99
C LYS E 57 -28.13 17.05 29.86
N ARG E 58 -28.90 17.26 28.77
CA ARG E 58 -30.16 16.54 28.59
C ARG E 58 -29.88 15.16 28.07
N ARG E 59 -30.36 14.16 28.78
CA ARG E 59 -30.12 12.84 28.25
C ARG E 59 -30.87 12.59 26.94
N ASN E 60 -31.97 13.31 26.70
CA ASN E 60 -32.73 13.18 25.44
C ASN E 60 -31.98 13.57 24.19
N THR E 61 -30.84 14.25 24.33
CA THR E 61 -29.94 14.47 23.23
C THR E 61 -29.56 13.15 22.51
N MET E 62 -29.37 12.08 23.30
CA MET E 62 -29.01 10.76 22.73
C MET E 62 -30.10 10.24 21.83
N GLU E 63 -31.35 10.31 22.31
CA GLU E 63 -32.50 9.87 21.54
C GLU E 63 -32.69 10.65 20.27
N TYR E 64 -32.50 11.96 20.36
CA TYR E 64 -32.67 12.81 19.21
C TYR E 64 -31.66 12.44 18.14
N CYS E 65 -30.41 12.28 18.56
CA CYS E 65 -29.37 11.82 17.67
C CYS E 65 -29.71 10.45 17.03
N TYR E 66 -30.14 9.52 17.87
CA TYR E 66 -30.45 8.16 17.38
C TYR E 66 -31.60 8.20 16.37
N LYS E 67 -32.65 8.95 16.69
CA LYS E 67 -33.82 9.01 15.79
C LYS E 67 -33.50 9.69 14.48
N LEU E 68 -32.59 10.68 14.51
CA LEU E 68 -32.07 11.23 13.26
C LEU E 68 -31.31 10.14 12.49
N TRP E 69 -30.46 9.42 13.23
CA TRP E 69 -29.57 8.41 12.64
C TRP E 69 -30.35 7.34 11.88
N VAL E 70 -31.49 6.91 12.44
CA VAL E 70 -32.31 5.87 11.78
C VAL E 70 -33.47 6.45 10.97
N GLY E 71 -33.55 7.77 10.89
CA GLY E 71 -34.69 8.47 10.26
C GLY E 71 -34.28 9.38 9.12
N ASN E 72 -33.26 8.95 8.37
CA ASN E 72 -32.75 9.70 7.20
C ASN E 72 -32.05 11.03 7.53
N GLY E 73 -31.53 11.12 8.75
CA GLY E 73 -30.86 12.33 9.20
C GLY E 73 -29.37 12.16 9.49
N GLN E 74 -28.72 11.22 8.81
CA GLN E 74 -27.32 10.94 9.13
C GLN E 74 -26.39 12.11 8.79
N GLU E 75 -26.69 12.83 7.72
CA GLU E 75 -25.90 14.01 7.35
C GLU E 75 -26.07 15.13 8.39
N ILE E 76 -27.27 15.29 8.94
CA ILE E 76 -27.52 16.23 10.04
C ILE E 76 -26.68 15.84 11.27
N VAL E 77 -26.62 14.55 11.57
CA VAL E 77 -25.78 14.09 12.70
C VAL E 77 -24.32 14.42 12.46
N ARG E 78 -23.84 14.14 11.25
CA ARG E 78 -22.46 14.44 10.86
C ARG E 78 -22.18 15.96 10.99
N LYS E 79 -23.12 16.78 10.54
CA LYS E 79 -22.91 18.25 10.51
C LYS E 79 -23.00 18.94 11.85
N TYR E 80 -23.92 18.52 12.72
CA TYR E 80 -24.31 19.36 13.85
C TYR E 80 -24.01 18.75 15.22
N PHE E 81 -23.65 17.47 15.27
CA PHE E 81 -23.23 16.85 16.51
C PHE E 81 -21.73 16.58 16.50
N PRO E 82 -21.10 16.59 17.67
CA PRO E 82 -19.71 16.12 17.77
C PRO E 82 -19.50 14.71 17.22
N LEU E 83 -18.26 14.45 16.81
CA LEU E 83 -17.86 13.17 16.22
C LEU E 83 -18.27 11.95 17.06
N ASN E 84 -18.09 12.06 18.37
CA ASN E 84 -18.33 10.90 19.22
C ASN E 84 -19.79 10.40 19.13
N PHE E 85 -20.74 11.29 18.80
CA PHE E 85 -22.13 10.85 18.62
C PHE E 85 -22.24 9.89 17.43
N ARG E 86 -21.53 10.19 16.36
CA ARG E 86 -21.52 9.29 15.22
C ARG E 86 -20.84 7.95 15.57
N LEU E 87 -19.73 8.00 16.32
CA LEU E 87 -19.05 6.76 16.73
C LEU E 87 -19.97 5.83 17.49
N ILE E 88 -20.77 6.43 18.37
CA ILE E 88 -21.72 5.70 19.18
C ILE E 88 -22.80 5.09 18.30
N MET E 89 -23.46 5.92 17.50
CA MET E 89 -24.61 5.45 16.72
C MET E 89 -24.23 4.47 15.62
N ALA E 90 -23.06 4.68 15.04
CA ALA E 90 -22.61 3.87 13.91
C ALA E 90 -21.95 2.55 14.32
N GLY E 91 -21.65 2.38 15.60
CA GLY E 91 -21.08 1.12 16.12
C GLY E 91 -19.60 0.97 15.82
N ASN E 92 -18.90 2.10 15.71
CA ASN E 92 -17.46 2.11 15.51
C ASN E 92 -16.70 1.63 16.73
N TYR E 93 -15.48 1.13 16.52
CA TYR E 93 -14.63 0.76 17.64
C TYR E 93 -14.17 2.02 18.34
N VAL E 94 -14.26 2.00 19.67
CA VAL E 94 -13.93 3.16 20.49
C VAL E 94 -13.11 2.77 21.69
N LYS E 95 -12.52 3.78 22.31
CA LYS E 95 -12.00 3.68 23.66
C LYS E 95 -12.87 4.52 24.52
N ILE E 96 -12.94 4.10 25.78
CA ILE E 96 -13.80 4.73 26.78
C ILE E 96 -12.89 5.10 27.94
N ILE E 97 -12.59 6.38 28.04
CA ILE E 97 -11.52 6.85 28.89
C ILE E 97 -12.08 7.75 29.97
N TYR E 98 -11.77 7.45 31.22
CA TYR E 98 -12.29 8.25 32.32
C TYR E 98 -11.62 9.62 32.40
N ARG E 99 -12.42 10.68 32.45
CA ARG E 99 -11.86 12.04 32.44
C ARG E 99 -10.92 12.27 33.63
N ASN E 100 -11.37 11.89 34.82
CA ASN E 100 -10.66 12.25 36.05
C ASN E 100 -9.25 11.69 36.13
N TYR E 101 -9.08 10.44 35.70
CA TYR E 101 -7.80 9.74 35.85
C TYR E 101 -7.15 9.41 34.52
N ASN E 102 -7.83 9.74 33.41
CA ASN E 102 -7.33 9.41 32.08
C ASN E 102 -6.94 7.94 31.95
N LEU E 103 -7.81 7.04 32.40
CA LEU E 103 -7.61 5.58 32.27
C LEU E 103 -8.68 4.97 31.38
N ALA E 104 -8.27 4.08 30.48
CA ALA E 104 -9.18 3.43 29.53
C ALA E 104 -9.84 2.23 30.18
N LEU E 105 -11.14 2.09 29.93
CA LEU E 105 -11.88 0.93 30.42
C LEU E 105 -11.39 -0.39 29.77
N LYS E 106 -11.28 -1.44 30.58
CA LYS E 106 -11.04 -2.81 30.10
C LYS E 106 -11.82 -3.82 30.95
N LEU E 107 -11.78 -5.07 30.53
CA LEU E 107 -12.10 -6.21 31.43
C LEU E 107 -10.82 -6.92 31.85
N GLY E 108 -10.86 -7.50 33.05
CA GLY E 108 -9.73 -8.30 33.58
C GLY E 108 -9.60 -9.68 32.93
N SER E 109 -8.52 -10.38 33.26
CA SER E 109 -8.16 -11.59 32.54
C SER E 109 -8.72 -12.87 33.19
N THR E 110 -9.25 -12.74 34.41
CA THR E 110 -9.77 -13.92 35.14
C THR E 110 -11.31 -13.89 35.14
N THR E 111 -11.93 -15.07 35.16
CA THR E 111 -13.39 -15.17 35.22
C THR E 111 -13.77 -15.78 36.57
N ASN E 112 -14.96 -15.43 37.07
CA ASN E 112 -15.46 -15.98 38.33
C ASN E 112 -16.32 -17.21 38.01
N PRO E 113 -16.91 -17.84 39.04
CA PRO E 113 -17.69 -19.06 38.72
C PRO E 113 -18.92 -18.83 37.82
N SER E 114 -19.38 -17.57 37.73
CA SER E 114 -20.44 -17.19 36.77
C SER E 114 -19.93 -16.91 35.36
N ASN E 115 -18.65 -17.16 35.14
CA ASN E 115 -17.99 -16.89 33.87
C ASN E 115 -17.92 -15.40 33.54
N GLU E 116 -17.85 -14.56 34.58
CA GLU E 116 -17.84 -13.12 34.37
C GLU E 116 -16.51 -12.56 34.79
N ARG E 117 -16.11 -11.50 34.07
CA ARG E 117 -14.87 -10.76 34.33
C ARG E 117 -15.19 -9.50 35.09
N ILE E 118 -14.17 -8.96 35.75
CA ILE E 118 -14.30 -7.70 36.46
C ILE E 118 -13.80 -6.56 35.54
N ALA E 119 -14.51 -5.44 35.56
CA ALA E 119 -14.13 -4.27 34.76
C ALA E 119 -13.19 -3.38 35.54
N TYR E 120 -12.25 -2.75 34.83
CA TYR E 120 -11.25 -1.87 35.43
C TYR E 120 -10.92 -0.75 34.48
N GLY E 121 -10.31 0.29 35.02
CA GLY E 121 -9.59 1.28 34.22
C GLY E 121 -8.16 0.83 34.24
N ASP E 122 -7.58 0.67 33.05
CA ASP E 122 -6.21 0.19 32.97
C ASP E 122 -5.25 1.30 33.36
N GLY E 123 -4.26 0.95 34.21
CA GLY E 123 -3.33 1.96 34.70
C GLY E 123 -2.46 2.61 33.64
N VAL E 124 -2.29 1.93 32.50
CA VAL E 124 -1.28 2.31 31.48
C VAL E 124 -1.81 2.31 30.02
N ASP E 125 -2.50 1.24 29.64
CA ASP E 125 -2.83 0.95 28.24
C ASP E 125 -3.94 1.84 27.65
N LYS E 126 -3.61 2.50 26.55
CA LYS E 126 -4.56 3.29 25.78
C LYS E 126 -4.56 2.93 24.29
N HIS E 127 -4.02 1.78 23.94
CA HIS E 127 -3.95 1.42 22.50
C HIS E 127 -4.12 -0.01 22.09
N THR E 128 -3.84 -0.98 22.95
CA THR E 128 -3.98 -2.37 22.51
C THR E 128 -5.46 -2.79 22.45
N GLU E 129 -5.71 -3.95 21.84
CA GLU E 129 -7.06 -4.52 21.75
C GLU E 129 -7.76 -4.64 23.10
N LEU E 130 -6.98 -4.68 24.17
CA LEU E 130 -7.51 -4.75 25.52
C LEU E 130 -8.52 -3.63 25.86
N VAL E 131 -8.40 -2.47 25.22
CA VAL E 131 -9.25 -1.31 25.55
C VAL E 131 -10.23 -0.93 24.43
N SER E 132 -10.44 -1.83 23.47
CA SER E 132 -11.40 -1.64 22.39
C SER E 132 -12.81 -2.09 22.84
N TRP E 133 -13.79 -1.22 22.53
CA TRP E 133 -15.18 -1.52 22.73
C TRP E 133 -15.98 -1.07 21.51
N LYS E 134 -17.23 -1.51 21.43
CA LYS E 134 -18.20 -0.90 20.52
C LYS E 134 -19.56 -0.88 21.20
N PHE E 135 -20.41 0.01 20.73
CA PHE E 135 -21.76 0.17 21.26
C PHE E 135 -22.76 -0.45 20.31
N ILE E 136 -23.75 -1.13 20.90
CA ILE E 136 -24.89 -1.62 20.18
C ILE E 136 -26.13 -0.93 20.75
N THR E 137 -26.95 -0.32 19.90
CA THR E 137 -28.10 0.44 20.36
C THR E 137 -29.31 -0.46 20.52
N LEU E 138 -30.20 -0.03 21.42
CA LEU E 138 -31.46 -0.70 21.64
C LEU E 138 -32.47 0.44 21.81
N TRP E 139 -33.56 0.42 21.03
CA TRP E 139 -34.67 1.36 21.23
C TRP E 139 -35.85 0.70 21.95
N GLU E 140 -36.20 1.18 23.14
CA GLU E 140 -37.30 0.65 23.95
C GLU E 140 -37.82 1.75 24.81
N ASN E 141 -39.14 1.76 25.05
CA ASN E 141 -39.73 2.70 25.99
C ASN E 141 -39.39 4.13 25.56
N ASN E 142 -39.46 4.37 24.26
CA ASN E 142 -39.18 5.67 23.66
C ASN E 142 -37.80 6.25 24.04
N ARG E 143 -36.83 5.37 24.28
CA ARG E 143 -35.52 5.68 24.76
C ARG E 143 -34.47 4.87 24.04
N VAL E 144 -33.25 5.40 24.00
CA VAL E 144 -32.11 4.66 23.45
C VAL E 144 -31.18 4.22 24.55
N TYR E 145 -30.90 2.91 24.54
CA TYR E 145 -29.97 2.33 25.48
C TYR E 145 -28.82 1.71 24.71
N PHE E 146 -27.73 1.50 25.43
CA PHE E 146 -26.52 0.94 24.83
C PHE E 146 -26.07 -0.35 25.52
N LYS E 147 -25.71 -1.32 24.68
CA LYS E 147 -24.94 -2.49 25.11
C LYS E 147 -23.49 -2.17 24.79
N ILE E 148 -22.63 -2.34 25.81
CA ILE E 148 -21.26 -1.91 25.74
C ILE E 148 -20.41 -3.18 25.62
N HIS E 149 -19.93 -3.41 24.40
CA HIS E 149 -19.35 -4.70 24.03
C HIS E 149 -17.83 -4.61 23.99
N ASN E 150 -17.20 -5.52 24.72
CA ASN E 150 -15.75 -5.62 24.80
C ASN E 150 -15.23 -6.48 23.67
N THR E 151 -14.34 -5.90 22.87
CA THR E 151 -13.85 -6.55 21.68
C THR E 151 -12.99 -7.79 22.01
N LYS E 152 -12.09 -7.67 22.96
CA LYS E 152 -11.13 -8.76 23.24
C LYS E 152 -11.82 -10.06 23.73
N TYR E 153 -12.74 -9.90 24.67
CA TYR E 153 -13.32 -11.05 25.38
C TYR E 153 -14.73 -11.37 24.94
N ASN E 154 -15.31 -10.57 24.03
CA ASN E 154 -16.65 -10.81 23.52
CA ASN E 154 -16.66 -10.76 23.53
C ASN E 154 -17.65 -10.91 24.70
N GLN E 155 -17.64 -9.88 25.56
CA GLN E 155 -18.54 -9.79 26.70
C GLN E 155 -19.08 -8.38 26.79
N TYR E 156 -20.15 -8.23 27.55
CA TYR E 156 -20.84 -6.95 27.68
C TYR E 156 -20.73 -6.41 29.09
N LEU E 157 -20.55 -5.10 29.19
CA LEU E 157 -20.43 -4.47 30.48
C LEU E 157 -21.74 -4.63 31.20
N LYS E 158 -21.69 -4.95 32.49
CA LYS E 158 -22.92 -5.13 33.24
C LYS E 158 -22.71 -4.88 34.74
N MET E 159 -23.81 -4.76 35.45
CA MET E 159 -23.79 -4.98 36.90
C MET E 159 -24.40 -6.37 37.19
N SER E 160 -24.18 -6.88 38.40
CA SER E 160 -24.51 -8.26 38.76
C SER E 160 -25.99 -8.57 38.52
N THR E 161 -26.24 -9.66 37.82
CA THR E 161 -27.61 -10.12 37.61
C THR E 161 -28.08 -11.09 38.70
N THR E 162 -27.21 -11.43 39.66
CA THR E 162 -27.66 -12.21 40.82
C THR E 162 -27.85 -11.39 42.10
N THR E 163 -27.29 -10.17 42.16
CA THR E 163 -27.38 -9.40 43.40
C THR E 163 -28.80 -8.87 43.62
N CYS E 164 -29.07 -8.47 44.88
CA CYS E 164 -30.39 -7.95 45.29
C CYS E 164 -30.69 -6.68 44.51
N ASN E 165 -31.97 -6.43 44.30
CA ASN E 165 -32.41 -5.13 43.80
C ASN E 165 -32.66 -4.25 45.02
N CYS E 166 -31.59 -3.83 45.68
CA CYS E 166 -31.71 -3.14 46.95
C CYS E 166 -30.45 -2.34 47.21
N ASN E 167 -30.45 -1.54 48.26
CA ASN E 167 -29.38 -0.57 48.49
C ASN E 167 -28.03 -1.27 48.83
N SER E 168 -28.09 -2.52 49.30
CA SER E 168 -26.90 -3.31 49.61
C SER E 168 -26.35 -4.10 48.43
N ARG E 169 -26.84 -3.82 47.24
CA ARG E 169 -26.39 -4.54 46.05
C ARG E 169 -24.89 -4.50 45.85
N ASP E 170 -24.37 -5.56 45.24
CA ASP E 170 -23.04 -5.58 44.66
C ASP E 170 -22.91 -4.42 43.67
N ARG E 171 -21.93 -3.54 43.89
CA ARG E 171 -21.70 -2.40 42.98
C ARG E 171 -20.52 -2.55 42.03
N VAL E 172 -19.91 -3.72 42.05
CA VAL E 172 -18.85 -4.01 41.10
C VAL E 172 -19.42 -4.08 39.67
N VAL E 173 -18.65 -3.57 38.73
CA VAL E 173 -19.01 -3.65 37.33
C VAL E 173 -18.24 -4.78 36.70
N TYR E 174 -18.96 -5.60 35.92
CA TYR E 174 -18.45 -6.84 35.37
C TYR E 174 -18.57 -6.85 33.85
N GLY E 175 -18.09 -7.95 33.26
CA GLY E 175 -18.37 -8.28 31.86
C GLY E 175 -19.02 -9.64 31.83
N GLY E 176 -20.10 -9.79 31.05
CA GLY E 176 -20.83 -11.06 30.94
C GLY E 176 -21.15 -11.42 29.51
N ASN E 177 -21.62 -12.65 29.29
CA ASN E 177 -21.82 -13.12 27.90
C ASN E 177 -23.00 -12.51 27.12
N SER E 178 -24.01 -11.99 27.81
CA SER E 178 -25.18 -11.49 27.10
C SER E 178 -25.64 -10.14 27.66
N ALA E 179 -26.55 -9.51 26.95
CA ALA E 179 -26.95 -8.13 27.30
C ALA E 179 -28.45 -7.93 27.19
N ASP E 180 -29.21 -8.98 27.44
CA ASP E 180 -30.66 -8.90 27.39
C ASP E 180 -31.28 -8.30 28.67
N SER E 181 -30.55 -8.30 29.79
CA SER E 181 -31.10 -7.78 31.05
C SER E 181 -30.93 -6.26 31.09
N THR E 182 -31.87 -5.58 31.75
CA THR E 182 -31.72 -4.16 32.03
C THR E 182 -30.45 -3.88 32.84
N ARG E 183 -29.95 -4.88 33.58
CA ARG E 183 -28.67 -4.72 34.33
C ARG E 183 -27.43 -4.79 33.43
N GLU E 184 -27.63 -5.18 32.17
CA GLU E 184 -26.56 -5.31 31.18
C GLU E 184 -26.68 -4.27 30.08
N GLN E 185 -27.41 -3.19 30.38
CA GLN E 185 -27.65 -2.10 29.44
C GLN E 185 -27.41 -0.78 30.15
N TRP E 186 -27.14 0.24 29.36
CA TRP E 186 -26.69 1.54 29.87
C TRP E 186 -27.34 2.70 29.11
N PHE E 187 -27.41 3.84 29.77
CA PHE E 187 -27.84 5.06 29.07
C PHE E 187 -26.82 6.15 29.36
N PHE E 188 -26.77 7.13 28.45
CA PHE E 188 -25.77 8.19 28.51
C PHE E 188 -26.41 9.55 28.71
N GLN E 189 -25.64 10.44 29.33
CA GLN E 189 -26.01 11.84 29.49
C GLN E 189 -24.80 12.67 29.10
N PRO E 190 -24.95 13.57 28.10
CA PRO E 190 -23.80 14.35 27.64
C PRO E 190 -23.54 15.56 28.52
N ALA E 191 -22.31 16.04 28.48
CA ALA E 191 -21.95 17.27 29.15
C ALA E 191 -20.75 17.85 28.43
N LYS E 192 -20.65 19.17 28.42
CA LYS E 192 -19.54 19.86 27.80
C LYS E 192 -18.62 20.26 28.93
N TYR E 193 -17.35 19.85 28.86
CA TYR E 193 -16.40 20.25 29.88
C TYR E 193 -15.08 20.62 29.20
N GLU E 194 -14.63 21.85 29.45
CA GLU E 194 -13.52 22.45 28.73
C GLU E 194 -13.88 22.36 27.22
N ASN E 195 -13.05 21.79 26.36
CA ASN E 195 -13.46 21.78 24.94
C ASN E 195 -14.14 20.51 24.51
N ASP E 196 -14.51 19.65 25.46
CA ASP E 196 -14.87 18.29 25.12
C ASP E 196 -16.32 18.01 25.44
N VAL E 197 -16.99 17.20 24.63
CA VAL E 197 -18.28 16.62 25.01
C VAL E 197 -18.00 15.23 25.59
N LEU E 198 -18.35 15.07 26.86
CA LEU E 198 -18.10 13.86 27.61
C LEU E 198 -19.46 13.25 27.94
N PHE E 199 -19.43 12.05 28.52
CA PHE E 199 -20.67 11.33 28.88
C PHE E 199 -20.64 10.72 30.28
N PHE E 200 -21.72 10.93 31.02
CA PHE E 200 -21.98 10.13 32.19
C PHE E 200 -22.69 8.85 31.68
N ILE E 201 -22.28 7.71 32.22
CA ILE E 201 -22.76 6.40 31.76
C ILE E 201 -23.43 5.71 32.94
N TYR E 202 -24.73 5.43 32.79
CA TYR E 202 -25.52 4.96 33.90
C TYR E 202 -26.08 3.58 33.58
N ASN E 203 -26.13 2.74 34.60
CA ASN E 203 -26.75 1.43 34.45
C ASN E 203 -28.25 1.57 34.29
N ARG E 204 -28.82 0.97 33.26
CA ARG E 204 -30.32 1.08 33.03
C ARG E 204 -31.14 0.65 34.23
N GLN E 205 -30.86 -0.53 34.81
CA GLN E 205 -31.63 -0.98 35.93
C GLN E 205 -31.35 -0.21 37.23
N PHE E 206 -30.08 -0.07 37.58
CA PHE E 206 -29.73 0.43 38.93
C PHE E 206 -29.58 1.94 38.98
N ASN E 207 -29.41 2.54 37.81
CA ASN E 207 -29.21 3.97 37.72
C ASN E 207 -27.85 4.47 38.24
N ASP E 208 -26.96 3.56 38.59
CA ASP E 208 -25.66 3.95 39.15
C ASP E 208 -24.76 4.39 38.02
N ALA E 209 -24.02 5.48 38.25
CA ALA E 209 -23.04 5.96 37.30
C ALA E 209 -21.81 5.08 37.32
N LEU E 210 -21.32 4.74 36.13
CA LEU E 210 -20.06 4.08 35.97
C LEU E 210 -18.88 4.99 36.44
N GLU E 211 -18.11 4.50 37.42
CA GLU E 211 -17.06 5.26 38.10
C GLU E 211 -15.80 4.39 38.23
N LEU E 212 -14.64 5.02 38.32
CA LEU E 212 -13.40 4.32 38.71
C LEU E 212 -13.10 4.63 40.15
N GLY E 213 -12.91 3.56 40.93
CA GLY E 213 -12.67 3.66 42.36
C GLY E 213 -11.18 3.55 42.66
N THR E 214 -10.87 2.83 43.72
CA THR E 214 -9.51 2.76 44.19
C THR E 214 -8.59 1.92 43.29
N ILE E 215 -7.29 2.22 43.40
CA ILE E 215 -6.26 1.50 42.66
C ILE E 215 -6.14 0.08 43.29
N VAL E 216 -6.01 -0.94 42.43
CA VAL E 216 -6.02 -2.34 42.90
C VAL E 216 -4.74 -3.14 42.54
N ASN E 217 -3.82 -2.50 41.81
CA ASN E 217 -2.76 -3.12 41.02
C ASN E 217 -1.50 -2.28 41.15
N ALA E 218 -0.29 -2.89 41.16
CA ALA E 218 0.94 -2.12 41.05
C ALA E 218 1.01 -1.36 39.73
N SER E 219 0.34 -1.88 38.69
CA SER E 219 0.28 -1.20 37.36
C SER E 219 -0.65 0.04 37.41
N GLY E 220 -1.44 0.17 38.48
CA GLY E 220 -2.29 1.36 38.67
C GLY E 220 -3.72 1.19 38.18
N ASP E 221 -4.13 -0.04 37.90
CA ASP E 221 -5.51 -0.29 37.51
C ASP E 221 -6.43 0.17 38.63
N ARG E 222 -7.61 0.67 38.25
CA ARG E 222 -8.62 1.04 39.21
C ARG E 222 -9.87 0.20 38.97
N LYS E 223 -10.53 -0.19 40.05
CA LYS E 223 -11.77 -0.95 39.91
C LYS E 223 -12.87 -0.07 39.29
N ALA E 224 -13.68 -0.66 38.42
CA ALA E 224 -14.89 0.00 37.92
C ALA E 224 -16.08 -0.42 38.79
N VAL E 225 -16.82 0.58 39.28
CA VAL E 225 -17.95 0.37 40.18
C VAL E 225 -19.12 1.29 39.82
N GLY E 226 -20.30 0.97 40.34
CA GLY E 226 -21.47 1.82 40.19
C GLY E 226 -21.55 2.78 41.36
N HIS E 227 -21.52 4.08 41.06
CA HIS E 227 -21.53 5.09 42.09
C HIS E 227 -22.89 5.20 42.73
N ASP E 228 -22.90 5.47 44.03
CA ASP E 228 -24.12 5.69 44.77
C ASP E 228 -24.33 7.20 44.89
N GLY E 229 -25.23 7.75 44.07
CA GLY E 229 -25.61 9.16 44.18
C GLY E 229 -25.45 9.95 42.91
N GLU E 230 -25.92 11.19 42.95
CA GLU E 230 -25.96 12.07 41.80
C GLU E 230 -24.54 12.50 41.41
N VAL E 231 -24.29 12.56 40.11
CA VAL E 231 -23.00 12.81 39.53
C VAL E 231 -22.92 13.98 38.51
N ALA E 232 -24.08 14.40 38.01
CA ALA E 232 -24.14 15.20 36.78
C ALA E 232 -23.50 16.58 36.91
N GLY E 233 -23.39 17.06 38.14
CA GLY E 233 -22.74 18.34 38.41
C GLY E 233 -21.22 18.29 38.29
N LEU E 234 -20.64 17.10 38.19
CA LEU E 234 -19.19 16.94 38.24
C LEU E 234 -18.63 16.12 37.08
N PRO E 235 -18.71 16.65 35.86
CA PRO E 235 -18.15 15.92 34.72
C PRO E 235 -16.64 15.73 34.82
N ASP E 236 -15.96 16.65 35.50
CA ASP E 236 -14.51 16.49 35.75
C ASP E 236 -14.17 15.25 36.60
N ILE E 237 -15.12 14.80 37.42
CA ILE E 237 -14.89 13.71 38.34
C ILE E 237 -15.42 12.37 37.80
N TYR E 238 -16.59 12.39 37.15
CA TYR E 238 -17.32 11.15 36.87
C TYR E 238 -17.65 10.84 35.40
N SER E 239 -17.19 11.65 34.46
CA SER E 239 -17.57 11.44 33.05
C SER E 239 -16.49 10.73 32.27
N TRP E 240 -16.86 10.34 31.06
CA TRP E 240 -16.03 9.54 30.19
C TRP E 240 -15.90 10.19 28.83
N PHE E 241 -14.68 10.14 28.31
CA PHE E 241 -14.42 10.44 26.90
C PHE E 241 -14.75 9.22 26.07
N ILE E 242 -15.30 9.44 24.89
CA ILE E 242 -15.49 8.38 23.90
C ILE E 242 -14.78 8.82 22.66
N THR E 243 -13.77 8.05 22.27
CA THR E 243 -12.87 8.40 21.16
C THR E 243 -12.65 7.21 20.22
N PRO E 244 -12.22 7.47 18.96
CA PRO E 244 -12.00 6.33 18.06
C PRO E 244 -10.88 5.40 18.55
N PHE E 245 -11.02 4.09 18.36
CA PHE E 245 -9.95 3.16 18.73
C PHE E 245 -8.66 3.39 17.93
O1 MES F . 0.58 -30.71 -33.16
C2 MES F . 0.60 -30.52 -34.58
C3 MES F . 1.32 -31.70 -35.25
N4 MES F . 2.68 -31.94 -34.70
C5 MES F . 2.65 -32.04 -33.21
C6 MES F . 1.89 -30.85 -32.61
C7 MES F . 3.28 -33.17 -35.29
C8 MES F . 4.61 -32.86 -35.97
S MES F . 5.46 -34.21 -36.49
O1S MES F . 6.77 -34.29 -35.79
O2S MES F . 4.71 -35.44 -36.12
O3S MES F . 5.68 -34.11 -37.96
O1 MES G . 11.87 7.81 -13.76
C2 MES G . 12.13 8.58 -12.58
C3 MES G . 11.22 8.25 -11.41
N4 MES G . 9.94 7.92 -12.04
C5 MES G . 10.13 6.58 -12.54
C6 MES G . 10.91 6.76 -13.82
C7 MES G . 8.75 8.08 -11.18
C8 MES G . 7.68 8.96 -11.87
S MES G . 6.41 7.99 -12.34
O1S MES G . 7.16 7.10 -13.16
O2S MES G . 5.95 7.64 -11.06
O3S MES G . 5.20 8.47 -12.98
C1 EDO H . -2.30 -18.69 -30.24
O1 EDO H . -2.60 -20.07 -30.49
C2 EDO H . -1.39 -18.20 -31.36
O2 EDO H . -0.02 -18.29 -30.97
O1 MES I . 31.37 23.62 1.49
C2 MES I . 32.76 23.44 1.22
C3 MES I . 33.28 22.05 1.58
N4 MES I . 32.27 21.15 2.24
C5 MES I . 30.87 21.26 1.73
C6 MES I . 30.59 22.55 0.93
C7 MES I . 32.68 19.70 2.25
C8 MES I . 34.20 19.38 2.10
S MES I . 34.55 17.83 2.69
O1S MES I . 35.85 17.36 2.15
O2S MES I . 34.72 17.97 4.16
O3S MES I . 33.35 16.95 2.40
C1 EDO J . 36.22 12.72 -7.76
O1 EDO J . 35.48 13.85 -8.18
C2 EDO J . 35.78 11.51 -8.51
O2 EDO J . 34.55 11.04 -7.92
C1 EDO K . 16.69 3.86 -13.40
O1 EDO K . 17.06 4.81 -14.39
C2 EDO K . 17.71 3.92 -12.29
O2 EDO K . 18.68 2.87 -12.34
C1 PEG L . 14.19 5.11 26.47
O1 PEG L . 13.17 5.94 27.01
C2 PEG L . 15.16 4.50 27.49
O2 PEG L . 15.98 3.52 26.81
C3 PEG L . 15.94 2.21 27.41
C4 PEG L . 14.56 1.60 27.26
O4 PEG L . 14.65 0.26 26.86
O1 MES M . -0.01 -9.50 1.37
C2 MES M . 1.10 -8.59 1.50
C3 MES M . 2.43 -9.29 1.23
N4 MES M . 2.26 -10.76 1.15
C5 MES M . 1.31 -11.08 0.05
C6 MES M . 0.03 -10.26 0.15
C7 MES M . 3.56 -11.41 0.94
C8 MES M . 3.50 -12.94 0.96
S MES M . 5.02 -13.62 0.66
O1S MES M . 6.01 -13.07 1.63
O2S MES M . 4.86 -15.08 0.84
O3S MES M . 5.52 -13.37 -0.73
C1 EDO N . 6.88 -28.83 23.16
O1 EDO N . 6.69 -27.51 22.61
C2 EDO N . 8.17 -28.93 23.97
O2 EDO N . 8.48 -30.31 24.30
C1 EDO O . 11.89 -36.57 -2.25
O1 EDO O . 11.36 -37.55 -1.36
C2 EDO O . 13.42 -36.47 -2.15
O2 EDO O . 13.89 -36.80 -0.83
C1 IPA P . 7.10 -39.93 -3.65
C2 IPA P . 7.80 -39.08 -2.64
C3 IPA P . 9.14 -38.56 -3.13
O2 IPA P . 6.89 -38.04 -2.30
C1 IPA Q . -31.00 -45.06 14.58
C2 IPA Q . -29.57 -44.59 14.21
C3 IPA Q . -29.04 -43.51 15.13
O2 IPA Q . -28.68 -45.70 14.33
C1 IPA R . 9.09 -30.61 21.73
C1 IPA R . 11.52 -31.16 21.12
C2 IPA R . 9.80 -31.28 20.59
C2 IPA R . 10.18 -30.94 20.43
C3 IPA R . 9.42 -32.75 20.36
C3 IPA R . 9.17 -31.90 21.01
O2 IPA R . 9.45 -30.46 19.49
O2 IPA R . 9.80 -29.58 20.55
#